data_6B4S
#
_entry.id   6B4S
#
_cell.length_a   92.428
_cell.length_b   92.428
_cell.length_c   213.189
_cell.angle_alpha   90.000
_cell.angle_beta   90.000
_cell.angle_gamma   120.000
#
_symmetry.space_group_name_H-M   'H 3'
#
loop_
_entity.id
_entity.type
_entity.pdbx_description
1 polymer '11S globulin'
2 water water
#
_entity_poly.entity_id   1
_entity_poly.type   'polypeptide(L)'
_entity_poly.pdbx_seq_one_letter_code
;YECRIQRLTAQEPQYRLEAEAGVSEVWDYTDQQFRCAGVAALRNTIRPQGLLLPVYTNAPKLYYVTQGRGILGVLMPGCP
ETFQSMSQFQGSREQEEERGRFQDQHQKVHHLKKGDIIAIPAGVALWCYNDGDEDLVTVLVQHTASDLNQLDQNPRHFFL
AGNIQRSQKQRGERYGLRGGQQILADNVFKGFNMEALADVLGFGMDTETARKVRGEDDQRGHIVRVEQGLKVIRPPRIRE
ELEQQEGGGYNGLEETICSATFIQNIDNPAEADFYNPRAGRLTTVNSLKVPILTFLQLSAMKGVLYENAMMAPLWRLNAN
SVVYAVRGEARVQIVDHRGETVFDDNLREGQMVVVPQNFVVVKQAGSRGFEWVVFNTNDNALFSTAAGRTSPLRGIPVGV
LANAYRLSQEEARRIKLNRDEAVLFN
;
_entity_poly.pdbx_strand_id   A,B
#
# COMPACT_ATOMS: atom_id res chain seq x y z
N TYR A 1 32.18 -9.55 -4.39
CA TYR A 1 32.53 -9.03 -5.71
C TYR A 1 33.22 -7.68 -5.59
N GLU A 2 34.04 -7.34 -6.59
CA GLU A 2 34.82 -6.11 -6.58
C GLU A 2 34.07 -5.01 -7.31
N CYS A 3 34.25 -3.78 -6.83
CA CYS A 3 33.56 -2.62 -7.40
C CYS A 3 34.52 -1.50 -7.79
N ARG A 4 35.83 -1.76 -7.85
CA ARG A 4 36.81 -0.76 -8.30
C ARG A 4 36.58 -0.49 -9.78
N ILE A 5 35.64 0.39 -10.05
CA ILE A 5 35.22 0.69 -11.41
C ILE A 5 35.85 1.99 -11.87
N GLN A 6 36.40 2.00 -13.07
CA GLN A 6 36.99 3.19 -13.65
C GLN A 6 36.00 4.01 -14.45
N ARG A 7 34.90 3.42 -14.88
CA ARG A 7 34.02 4.03 -15.88
C ARG A 7 32.64 3.41 -15.76
N LEU A 8 31.63 4.25 -15.56
CA LEU A 8 30.25 3.82 -15.67
C LEU A 8 29.73 4.19 -17.05
N THR A 9 28.85 3.34 -17.58
CA THR A 9 28.34 3.48 -18.93
C THR A 9 26.83 3.32 -18.95
N ALA A 10 26.16 4.13 -19.74
CA ALA A 10 24.75 3.90 -20.02
C ALA A 10 24.63 2.65 -20.87
N GLN A 11 23.69 1.77 -20.51
CA GLN A 11 23.60 0.46 -21.12
C GLN A 11 22.17 0.18 -21.59
N GLU A 12 22.07 -0.46 -22.74
CA GLU A 12 20.83 -0.98 -23.29
C GLU A 12 20.83 -2.49 -23.24
N PRO A 13 19.68 -3.13 -23.38
CA PRO A 13 19.66 -4.59 -23.40
C PRO A 13 20.62 -5.15 -24.44
N GLN A 14 21.27 -6.26 -24.10
CA GLN A 14 22.29 -6.86 -24.96
C GLN A 14 21.83 -8.10 -25.70
N TYR A 15 20.87 -8.87 -25.16
CA TYR A 15 20.38 -10.04 -25.89
C TYR A 15 18.90 -10.22 -25.62
N ARG A 16 18.13 -10.38 -26.70
CA ARG A 16 16.68 -10.48 -26.67
C ARG A 16 16.25 -11.95 -26.70
N LEU A 17 15.07 -12.22 -26.16
CA LEU A 17 14.44 -13.54 -26.24
C LEU A 17 13.01 -13.33 -26.71
N GLU A 18 12.75 -13.64 -27.97
CA GLU A 18 11.43 -13.42 -28.56
C GLU A 18 10.53 -14.61 -28.32
N ALA A 19 9.26 -14.33 -28.07
CA ALA A 19 8.20 -15.32 -28.03
C ALA A 19 7.14 -14.95 -29.07
N GLU A 20 6.11 -15.79 -29.21
CA GLU A 20 5.07 -15.51 -30.18
C GLU A 20 4.24 -14.29 -29.78
N ALA A 21 4.15 -14.01 -28.48
CA ALA A 21 3.31 -12.94 -27.97
C ALA A 21 4.10 -11.92 -27.14
N GLY A 22 5.42 -11.91 -27.25
CA GLY A 22 6.21 -10.97 -26.47
C GLY A 22 7.68 -11.18 -26.69
N VAL A 23 8.47 -10.34 -26.02
CA VAL A 23 9.92 -10.33 -26.17
C VAL A 23 10.54 -9.95 -24.84
N SER A 24 11.56 -10.71 -24.43
CA SER A 24 12.34 -10.39 -23.25
C SER A 24 13.67 -9.78 -23.68
N GLU A 25 13.99 -8.62 -23.14
CA GLU A 25 15.27 -7.96 -23.37
C GLU A 25 16.08 -8.04 -22.09
N VAL A 26 17.25 -8.68 -22.17
CA VAL A 26 18.09 -8.95 -21.00
C VAL A 26 19.34 -8.07 -21.08
N TRP A 27 19.53 -7.22 -20.06
CA TRP A 27 20.81 -6.55 -19.90
C TRP A 27 21.87 -7.58 -19.52
N ASP A 28 23.14 -7.23 -19.76
CA ASP A 28 24.25 -8.16 -19.53
C ASP A 28 24.53 -8.25 -18.03
N TYR A 29 23.86 -9.18 -17.36
CA TYR A 29 24.12 -9.36 -15.94
C TYR A 29 25.59 -9.73 -15.68
N THR A 30 26.33 -10.09 -16.73
CA THR A 30 27.76 -10.37 -16.59
C THR A 30 28.58 -9.09 -16.42
N ASP A 31 28.06 -7.96 -16.86
CA ASP A 31 28.85 -6.74 -16.87
C ASP A 31 29.15 -6.27 -15.45
N GLN A 32 30.39 -5.83 -15.25
CA GLN A 32 30.83 -5.41 -13.92
C GLN A 32 29.91 -4.34 -13.35
N GLN A 33 29.40 -3.45 -14.19
CA GLN A 33 28.55 -2.38 -13.71
C GLN A 33 27.39 -2.91 -12.89
N PHE A 34 26.77 -4.00 -13.35
CA PHE A 34 25.67 -4.59 -12.62
C PHE A 34 26.14 -5.61 -11.58
N ARG A 35 27.22 -6.35 -11.88
CA ARG A 35 27.76 -7.28 -10.91
C ARG A 35 28.13 -6.57 -9.61
N CYS A 36 28.54 -5.30 -9.70
CA CYS A 36 28.76 -4.54 -8.47
C CYS A 36 27.45 -4.33 -7.74
N ALA A 37 26.43 -3.88 -8.44
CA ALA A 37 25.12 -3.68 -7.83
C ALA A 37 24.52 -4.99 -7.34
N GLY A 38 24.94 -6.12 -7.89
CA GLY A 38 24.38 -7.40 -7.49
C GLY A 38 22.97 -7.62 -7.97
N VAL A 39 22.67 -7.21 -9.21
CA VAL A 39 21.31 -7.28 -9.75
C VAL A 39 21.37 -7.73 -11.20
N ALA A 40 20.24 -8.25 -11.67
CA ALA A 40 20.05 -8.64 -13.06
C ALA A 40 18.82 -7.91 -13.59
N ALA A 41 19.00 -7.13 -14.64
CA ALA A 41 17.96 -6.27 -15.19
C ALA A 41 17.26 -6.94 -16.36
N LEU A 42 15.94 -6.81 -16.39
CA LEU A 42 15.12 -7.44 -17.41
C LEU A 42 14.01 -6.50 -17.82
N ARG A 43 13.58 -6.63 -19.07
CA ARG A 43 12.50 -5.83 -19.63
C ARG A 43 11.60 -6.75 -20.43
N ASN A 44 10.33 -6.82 -20.05
CA ASN A 44 9.37 -7.69 -20.72
C ASN A 44 8.34 -6.84 -21.45
N THR A 45 8.15 -7.14 -22.73
CA THR A 45 7.10 -6.52 -23.52
C THR A 45 6.09 -7.62 -23.88
N ILE A 46 4.84 -7.39 -23.51
CA ILE A 46 3.77 -8.36 -23.74
C ILE A 46 2.72 -7.68 -24.61
N ARG A 47 2.69 -8.04 -25.89
CA ARG A 47 1.68 -7.51 -26.80
C ARG A 47 0.29 -7.84 -26.27
N PRO A 48 -0.70 -7.04 -26.64
CA PRO A 48 -2.08 -7.35 -26.25
C PRO A 48 -2.38 -8.83 -26.30
N GLN A 49 -3.09 -9.33 -25.29
CA GLN A 49 -3.53 -10.71 -25.23
C GLN A 49 -2.38 -11.69 -25.01
N GLY A 50 -1.20 -11.21 -24.60
CA GLY A 50 -0.08 -12.07 -24.36
C GLY A 50 -0.07 -12.60 -22.93
N LEU A 51 0.43 -13.83 -22.77
CA LEU A 51 0.49 -14.48 -21.47
C LEU A 51 1.91 -14.92 -21.18
N LEU A 52 2.47 -14.42 -20.09
CA LEU A 52 3.69 -14.98 -19.53
C LEU A 52 3.36 -16.28 -18.82
N LEU A 53 4.07 -17.35 -19.14
CA LEU A 53 3.87 -18.59 -18.43
C LEU A 53 4.32 -18.43 -16.99
N PRO A 54 3.62 -19.04 -16.03
CA PRO A 54 4.03 -18.92 -14.63
C PRO A 54 5.50 -19.28 -14.48
N VAL A 55 6.15 -18.65 -13.50
CA VAL A 55 7.59 -18.78 -13.33
C VAL A 55 7.96 -18.27 -11.95
N TYR A 56 9.04 -18.83 -11.40
CA TYR A 56 9.61 -18.36 -10.15
C TYR A 56 11.12 -18.38 -10.28
N THR A 57 11.79 -17.51 -9.51
CA THR A 57 13.23 -17.34 -9.59
C THR A 57 13.84 -17.51 -8.20
N ASN A 58 15.17 -17.64 -8.20
CA ASN A 58 15.96 -17.79 -6.99
C ASN A 58 16.18 -16.49 -6.24
N ALA A 59 15.87 -15.35 -6.86
CA ALA A 59 16.15 -14.06 -6.26
C ALA A 59 14.88 -13.23 -6.22
N PRO A 60 14.79 -12.30 -5.27
CA PRO A 60 13.65 -11.38 -5.26
C PRO A 60 13.65 -10.49 -6.49
N LYS A 61 12.48 -9.93 -6.80
CA LYS A 61 12.29 -9.14 -8.00
C LYS A 61 11.47 -7.90 -7.70
N LEU A 62 11.81 -6.80 -8.36
CA LEU A 62 11.01 -5.58 -8.34
C LEU A 62 10.67 -5.23 -9.77
N TYR A 63 9.43 -5.47 -10.18
CA TYR A 63 8.96 -5.06 -11.50
C TYR A 63 8.48 -3.63 -11.44
N TYR A 64 8.74 -2.88 -12.52
CA TYR A 64 8.13 -1.58 -12.74
C TYR A 64 7.38 -1.63 -14.06
N VAL A 65 6.10 -1.28 -14.01
CA VAL A 65 5.23 -1.32 -15.18
C VAL A 65 5.34 0.04 -15.87
N THR A 66 6.18 0.11 -16.89
CA THR A 66 6.37 1.38 -17.59
C THR A 66 5.16 1.72 -18.46
N GLN A 67 4.47 0.72 -18.99
CA GLN A 67 3.42 0.96 -19.97
C GLN A 67 2.45 -0.19 -19.96
N GLY A 68 1.19 0.12 -20.24
CA GLY A 68 0.17 -0.90 -20.44
C GLY A 68 -0.70 -1.12 -19.22
N ARG A 69 -1.55 -2.15 -19.34
CA ARG A 69 -2.41 -2.59 -18.25
C ARG A 69 -2.68 -4.07 -18.43
N GLY A 70 -2.63 -4.83 -17.33
CA GLY A 70 -2.78 -6.26 -17.42
C GLY A 70 -3.13 -6.87 -16.08
N ILE A 71 -3.35 -8.18 -16.10
CA ILE A 71 -3.68 -8.94 -14.91
C ILE A 71 -2.44 -9.68 -14.43
N LEU A 72 -2.38 -9.91 -13.12
CA LEU A 72 -1.28 -10.61 -12.49
C LEU A 72 -1.84 -11.68 -11.55
N GLY A 73 -1.07 -12.76 -11.40
CA GLY A 73 -1.39 -13.78 -10.43
C GLY A 73 -0.16 -14.26 -9.70
N VAL A 74 -0.12 -14.06 -8.39
CA VAL A 74 0.96 -14.56 -7.55
C VAL A 74 0.45 -15.77 -6.79
N LEU A 75 1.37 -16.65 -6.42
CA LEU A 75 1.04 -17.94 -5.82
C LEU A 75 1.75 -18.07 -4.48
N MET A 76 1.08 -17.69 -3.43
CA MET A 76 1.64 -17.88 -2.10
C MET A 76 1.54 -19.36 -1.71
N PRO A 77 2.52 -19.87 -0.98
CA PRO A 77 2.55 -21.32 -0.69
C PRO A 77 1.60 -21.67 0.44
N GLY A 78 0.77 -22.68 0.19
CA GLY A 78 -0.14 -23.16 1.23
C GLY A 78 -1.18 -22.15 1.63
N CYS A 79 -1.76 -21.45 0.67
CA CYS A 79 -2.84 -20.52 0.93
C CYS A 79 -4.11 -20.96 0.22
N PRO A 80 -5.26 -20.92 0.88
CA PRO A 80 -6.50 -21.30 0.20
C PRO A 80 -6.87 -20.29 -0.88
N GLU A 81 -7.77 -20.72 -1.76
CA GLU A 81 -8.21 -19.89 -2.88
C GLU A 81 -9.34 -18.99 -2.42
N THR A 82 -9.18 -17.68 -2.60
CA THR A 82 -10.19 -16.71 -2.20
C THR A 82 -11.03 -16.20 -3.35
N PHE A 83 -10.72 -16.58 -4.58
CA PHE A 83 -11.49 -16.20 -5.75
C PHE A 83 -12.21 -17.45 -6.26
N GLN A 84 -13.54 -17.44 -6.16
CA GLN A 84 -14.33 -18.60 -6.52
C GLN A 84 -15.55 -18.16 -7.31
N SER A 85 -15.88 -18.92 -8.35
CA SER A 85 -17.10 -18.69 -9.13
C SER A 85 -18.12 -19.80 -8.86
N ASP A 104 -14.59 -20.97 -11.52
CA ASP A 104 -13.30 -21.52 -11.11
C ASP A 104 -12.92 -20.99 -9.72
N GLN A 105 -12.08 -21.74 -9.02
CA GLN A 105 -11.64 -21.42 -7.67
C GLN A 105 -10.13 -21.29 -7.66
N HIS A 106 -9.64 -20.09 -7.39
CA HIS A 106 -8.20 -19.82 -7.43
C HIS A 106 -7.89 -18.63 -6.54
N GLN A 107 -6.62 -18.24 -6.53
CA GLN A 107 -6.15 -17.18 -5.65
C GLN A 107 -6.38 -15.80 -6.28
N LYS A 108 -6.17 -14.77 -5.46
CA LYS A 108 -6.46 -13.41 -5.88
C LYS A 108 -5.55 -13.00 -7.03
N VAL A 109 -6.14 -12.68 -8.17
CA VAL A 109 -5.41 -11.98 -9.22
C VAL A 109 -5.43 -10.49 -8.91
N HIS A 110 -4.44 -9.78 -9.44
CA HIS A 110 -4.28 -8.35 -9.16
C HIS A 110 -4.13 -7.59 -10.46
N HIS A 111 -4.70 -6.38 -10.50
CA HIS A 111 -4.64 -5.52 -11.67
C HIS A 111 -3.42 -4.63 -11.56
N LEU A 112 -2.46 -4.83 -12.46
CA LEU A 112 -1.31 -3.95 -12.58
C LEU A 112 -1.58 -2.96 -13.69
N LYS A 113 -1.09 -1.73 -13.52
CA LYS A 113 -1.28 -0.72 -14.55
C LYS A 113 -0.12 0.28 -14.48
N LYS A 114 0.09 0.95 -15.61
CA LYS A 114 1.14 1.95 -15.79
C LYS A 114 1.53 2.61 -14.47
N GLY A 115 2.82 2.62 -14.17
CA GLY A 115 3.32 3.23 -12.95
C GLY A 115 3.30 2.34 -11.74
N ASP A 116 2.98 1.05 -11.90
CA ASP A 116 2.93 0.14 -10.76
C ASP A 116 4.32 -0.42 -10.44
N ILE A 117 4.56 -0.58 -9.15
CA ILE A 117 5.71 -1.32 -8.64
C ILE A 117 5.19 -2.65 -8.15
N ILE A 118 5.82 -3.73 -8.57
CA ILE A 118 5.44 -5.08 -8.18
C ILE A 118 6.62 -5.72 -7.47
N ALA A 119 6.36 -6.32 -6.31
CA ALA A 119 7.39 -6.98 -5.51
C ALA A 119 7.08 -8.46 -5.44
N ILE A 120 8.03 -9.28 -5.89
CA ILE A 120 7.84 -10.72 -5.96
C ILE A 120 8.92 -11.41 -5.14
N PRO A 121 8.60 -12.05 -4.02
CA PRO A 121 9.64 -12.74 -3.25
C PRO A 121 10.24 -13.89 -4.04
N ALA A 122 11.42 -14.32 -3.59
CA ALA A 122 12.10 -15.42 -4.25
C ALA A 122 11.28 -16.70 -4.10
N GLY A 123 11.29 -17.51 -5.16
CA GLY A 123 10.65 -18.81 -5.12
C GLY A 123 9.16 -18.84 -5.41
N VAL A 124 8.50 -17.68 -5.42
CA VAL A 124 7.06 -17.62 -5.66
C VAL A 124 6.80 -17.70 -7.16
N ALA A 125 5.82 -18.51 -7.53
CA ALA A 125 5.40 -18.59 -8.92
C ALA A 125 4.46 -17.44 -9.24
N LEU A 126 4.51 -16.98 -10.49
CA LEU A 126 3.74 -15.80 -10.87
C LEU A 126 3.58 -15.76 -12.38
N TRP A 127 2.39 -15.34 -12.82
CA TRP A 127 2.05 -15.19 -14.23
C TRP A 127 1.45 -13.81 -14.45
N CYS A 128 1.35 -13.41 -15.71
CA CYS A 128 0.82 -12.10 -16.06
C CYS A 128 0.18 -12.18 -17.43
N TYR A 129 -0.91 -11.42 -17.61
CA TYR A 129 -1.63 -11.36 -18.87
C TYR A 129 -1.92 -9.92 -19.24
N ASN A 130 -1.92 -9.64 -20.54
CA ASN A 130 -2.14 -8.30 -21.07
C ASN A 130 -3.54 -8.22 -21.63
N ASP A 131 -4.49 -7.78 -20.80
CA ASP A 131 -5.87 -7.62 -21.21
C ASP A 131 -6.14 -6.28 -21.87
N GLY A 132 -5.08 -5.56 -22.28
CA GLY A 132 -5.22 -4.26 -22.87
C GLY A 132 -4.93 -4.28 -24.37
N ASP A 133 -5.10 -3.10 -24.97
CA ASP A 133 -4.89 -2.90 -26.40
C ASP A 133 -3.52 -2.30 -26.70
N GLU A 134 -2.65 -2.20 -25.71
CA GLU A 134 -1.32 -1.64 -25.89
C GLU A 134 -0.29 -2.59 -25.27
N ASP A 135 0.92 -2.54 -25.82
CA ASP A 135 1.99 -3.38 -25.30
C ASP A 135 2.18 -3.15 -23.81
N LEU A 136 2.27 -4.24 -23.05
CA LEU A 136 2.52 -4.17 -21.63
C LEU A 136 4.01 -4.27 -21.40
N VAL A 137 4.62 -3.14 -21.02
CA VAL A 137 6.07 -3.05 -20.83
C VAL A 137 6.34 -3.00 -19.35
N THR A 138 7.08 -3.98 -18.85
CA THR A 138 7.52 -4.03 -17.47
C THR A 138 9.02 -4.13 -17.43
N VAL A 139 9.65 -3.27 -16.66
CA VAL A 139 11.09 -3.36 -16.40
C VAL A 139 11.27 -3.92 -15.00
N LEU A 140 12.23 -4.83 -14.86
CA LEU A 140 12.42 -5.57 -13.62
C LEU A 140 13.91 -5.69 -13.32
N VAL A 141 14.21 -5.74 -12.02
CA VAL A 141 15.56 -6.03 -11.53
C VAL A 141 15.45 -7.20 -10.57
N GLN A 142 16.43 -8.09 -10.61
CA GLN A 142 16.47 -9.24 -9.72
C GLN A 142 17.70 -9.11 -8.83
N HIS A 143 17.47 -8.87 -7.56
CA HIS A 143 18.54 -8.67 -6.59
C HIS A 143 19.24 -10.00 -6.38
N THR A 144 20.35 -10.21 -7.09
CA THR A 144 21.09 -11.46 -6.99
C THR A 144 22.07 -11.50 -5.83
N ALA A 145 22.33 -10.37 -5.17
CA ALA A 145 23.22 -10.34 -4.01
C ALA A 145 22.45 -10.38 -2.69
N SER A 146 21.21 -10.85 -2.70
CA SER A 146 20.40 -10.94 -1.49
C SER A 146 20.65 -12.27 -0.78
N ASP A 147 20.64 -12.22 0.55
CA ASP A 147 20.85 -13.43 1.32
C ASP A 147 19.76 -14.47 1.06
N LEU A 148 18.63 -14.05 0.47
CA LEU A 148 17.59 -15.01 0.14
C LEU A 148 17.99 -15.88 -1.04
N ASN A 149 18.75 -15.33 -1.98
CA ASN A 149 19.31 -16.13 -3.06
C ASN A 149 20.49 -16.92 -2.53
N GLN A 150 20.31 -18.21 -2.37
CA GLN A 150 21.36 -19.08 -1.86
C GLN A 150 22.05 -19.89 -2.95
N LEU A 151 21.78 -19.56 -4.21
CA LEU A 151 22.50 -20.15 -5.33
C LEU A 151 23.74 -19.32 -5.66
N ASP A 152 23.83 -18.80 -6.87
CA ASP A 152 24.97 -18.01 -7.29
C ASP A 152 24.48 -16.70 -7.91
N GLN A 153 25.42 -15.86 -8.29
CA GLN A 153 25.11 -14.52 -8.80
C GLN A 153 24.60 -14.54 -10.24
N ASN A 154 23.79 -15.53 -10.62
CA ASN A 154 23.27 -15.64 -11.97
C ASN A 154 21.75 -15.76 -11.90
N PRO A 155 21.01 -15.04 -12.75
CA PRO A 155 19.55 -15.20 -12.74
C PRO A 155 19.14 -16.60 -13.21
N ARG A 156 18.09 -17.13 -12.60
CA ARG A 156 17.59 -18.46 -12.92
C ARG A 156 16.08 -18.43 -12.84
N HIS A 157 15.42 -18.65 -13.98
CA HIS A 157 13.97 -18.69 -14.04
C HIS A 157 13.53 -20.15 -14.14
N PHE A 158 12.70 -20.58 -13.19
CA PHE A 158 12.10 -21.91 -13.22
C PHE A 158 10.67 -21.76 -13.73
N PHE A 159 10.43 -22.22 -14.94
CA PHE A 159 9.12 -22.09 -15.56
C PHE A 159 8.29 -23.34 -15.32
N LEU A 160 6.99 -23.13 -15.10
CA LEU A 160 6.07 -24.23 -14.87
C LEU A 160 5.34 -24.66 -16.13
N ALA A 161 5.67 -24.10 -17.29
CA ALA A 161 5.00 -24.49 -18.52
C ALA A 161 5.84 -24.14 -19.73
N GLY A 162 5.96 -25.09 -20.65
CA GLY A 162 6.34 -24.78 -22.02
C GLY A 162 7.77 -24.29 -22.16
N ASN A 163 7.91 -23.23 -22.97
CA ASN A 163 9.19 -22.72 -23.45
C ASN A 163 10.34 -23.73 -23.36
N LEU A 184 16.37 -21.14 -18.15
CA LEU A 184 15.00 -21.50 -18.50
C LEU A 184 14.96 -21.98 -19.93
N ALA A 185 15.16 -23.27 -20.14
CA ALA A 185 15.12 -23.86 -21.47
C ALA A 185 13.77 -24.50 -21.77
N ASP A 186 13.33 -25.44 -20.91
CA ASP A 186 11.94 -25.87 -20.89
C ASP A 186 11.44 -25.78 -19.45
N ASN A 187 10.15 -25.99 -19.26
CA ASN A 187 9.60 -26.01 -17.91
C ASN A 187 10.35 -27.04 -17.08
N VAL A 188 10.27 -26.89 -15.75
CA VAL A 188 10.88 -27.87 -14.88
C VAL A 188 10.19 -29.22 -15.03
N PHE A 189 8.94 -29.24 -15.50
CA PHE A 189 8.28 -30.50 -15.79
C PHE A 189 8.94 -31.27 -16.94
N LYS A 190 9.87 -30.65 -17.67
CA LYS A 190 10.51 -31.34 -18.79
C LYS A 190 11.40 -32.48 -18.29
N GLY A 191 12.35 -32.16 -17.41
CA GLY A 191 13.27 -33.17 -16.91
C GLY A 191 12.64 -34.25 -16.06
N PHE A 192 11.35 -34.18 -15.80
CA PHE A 192 10.67 -35.18 -14.98
C PHE A 192 10.31 -36.40 -15.83
N ASN A 193 9.78 -37.43 -15.17
CA ASN A 193 9.34 -38.65 -15.82
C ASN A 193 7.84 -38.61 -16.00
N MET A 194 7.37 -38.78 -17.24
CA MET A 194 5.95 -38.78 -17.52
C MET A 194 5.19 -39.72 -16.57
N GLU A 195 5.75 -40.90 -16.32
CA GLU A 195 5.08 -41.86 -15.42
C GLU A 195 4.92 -41.27 -14.03
N ALA A 196 5.98 -40.68 -13.49
CA ALA A 196 5.91 -40.12 -12.15
C ALA A 196 4.95 -38.94 -12.11
N LEU A 197 5.07 -38.02 -13.06
CA LEU A 197 4.19 -36.87 -13.07
C LEU A 197 2.75 -37.27 -13.32
N ALA A 198 2.51 -38.40 -13.97
CA ALA A 198 1.15 -38.94 -14.06
C ALA A 198 0.73 -39.55 -12.74
N ASP A 199 1.60 -40.38 -12.16
CA ASP A 199 1.37 -40.94 -10.83
C ASP A 199 0.89 -39.87 -9.87
N VAL A 200 1.52 -38.69 -9.93
CA VAL A 200 1.29 -37.67 -8.92
C VAL A 200 0.08 -36.82 -9.25
N LEU A 201 -0.02 -36.32 -10.47
CA LEU A 201 -1.08 -35.37 -10.82
C LEU A 201 -2.46 -36.01 -10.86
N GLY A 202 -2.61 -37.27 -10.47
CA GLY A 202 -3.89 -37.95 -10.51
C GLY A 202 -4.33 -38.17 -11.94
N PHE A 203 -3.44 -37.89 -12.90
CA PHE A 203 -3.73 -38.11 -14.31
C PHE A 203 -2.81 -39.18 -14.85
N THR A 207 1.99 -42.65 -18.41
CA THR A 207 0.56 -42.72 -18.64
C THR A 207 0.06 -41.46 -19.36
N GLU A 208 -1.06 -40.91 -18.89
CA GLU A 208 -1.78 -39.82 -19.54
C GLU A 208 -0.96 -39.01 -20.54
N THR A 209 -1.41 -38.99 -21.80
CA THR A 209 -0.82 -38.09 -22.78
C THR A 209 -1.12 -36.66 -22.39
N ALA A 210 -1.88 -36.46 -21.31
CA ALA A 210 -1.79 -35.19 -20.62
C ALA A 210 -0.37 -34.92 -20.17
N ARG A 211 0.48 -35.96 -20.15
CA ARG A 211 1.91 -35.78 -19.90
C ARG A 211 2.49 -34.62 -20.69
N LYS A 212 1.81 -34.17 -21.74
CA LYS A 212 2.27 -33.03 -22.53
C LYS A 212 2.28 -31.73 -21.72
N VAL A 213 2.22 -31.84 -20.39
CA VAL A 213 2.44 -30.69 -19.52
C VAL A 213 3.90 -30.27 -19.60
N ARG A 214 4.71 -31.01 -20.34
CA ARG A 214 6.18 -30.92 -20.24
C ARG A 214 6.78 -30.33 -21.51
N GLY A 215 8.11 -30.34 -21.57
CA GLY A 215 8.86 -29.50 -22.49
C GLY A 215 9.42 -30.24 -23.69
N GLU A 216 10.21 -29.51 -24.47
CA GLU A 216 10.68 -29.91 -25.80
C GLU A 216 9.56 -30.55 -26.62
N ASP A 217 8.53 -29.74 -26.88
CA ASP A 217 7.57 -30.04 -27.93
C ASP A 217 6.66 -28.84 -28.17
N ASP A 218 7.19 -27.63 -27.97
CA ASP A 218 6.37 -26.43 -27.89
C ASP A 218 6.78 -25.37 -28.90
N GLN A 219 7.83 -24.62 -28.59
CA GLN A 219 8.45 -23.61 -29.46
C GLN A 219 7.71 -22.28 -29.49
N ARG A 220 6.73 -22.05 -28.63
CA ARG A 220 6.06 -20.75 -28.59
C ARG A 220 6.81 -19.73 -27.75
N GLY A 221 7.69 -20.17 -26.86
CA GLY A 221 8.43 -19.28 -26.00
C GLY A 221 7.83 -19.16 -24.62
N HIS A 222 8.21 -18.08 -23.93
CA HIS A 222 7.75 -17.82 -22.57
C HIS A 222 6.59 -16.84 -22.51
N ILE A 223 6.22 -16.22 -23.63
CA ILE A 223 5.07 -15.33 -23.70
C ILE A 223 4.25 -15.76 -24.90
N VAL A 224 3.06 -16.29 -24.65
CA VAL A 224 2.28 -16.98 -25.67
C VAL A 224 1.02 -16.20 -25.98
N ARG A 225 0.44 -16.51 -27.15
CA ARG A 225 -0.81 -15.91 -27.58
C ARG A 225 -1.99 -16.71 -27.01
N VAL A 226 -3.07 -16.01 -26.72
CA VAL A 226 -4.17 -16.55 -25.94
C VAL A 226 -5.39 -16.80 -26.83
N GLU A 227 -6.30 -17.62 -26.32
CA GLU A 227 -7.54 -17.94 -27.03
C GLU A 227 -8.61 -16.89 -26.75
N GLN A 228 -9.02 -16.76 -25.48
CA GLN A 228 -10.08 -15.83 -25.09
C GLN A 228 -9.49 -14.92 -24.01
N GLY A 229 -9.82 -15.14 -22.74
CA GLY A 229 -9.32 -14.33 -21.65
C GLY A 229 -8.71 -15.23 -20.60
N LEU A 230 -8.11 -14.60 -19.59
CA LEU A 230 -7.22 -15.38 -18.76
C LEU A 230 -7.01 -14.89 -17.33
N LYS A 231 -8.09 -14.52 -16.67
CA LYS A 231 -8.12 -14.32 -15.22
C LYS A 231 -9.59 -14.29 -14.84
N VAL A 232 -10.29 -15.40 -15.13
CA VAL A 232 -11.68 -15.31 -15.58
C VAL A 232 -12.68 -15.11 -14.45
N ILE A 233 -12.24 -15.09 -13.20
CA ILE A 233 -13.13 -14.60 -12.16
C ILE A 233 -13.24 -13.09 -12.26
N ARG A 234 -12.12 -12.41 -12.47
CA ARG A 234 -12.17 -11.00 -12.83
C ARG A 234 -10.93 -10.61 -13.64
N PRO A 235 -11.09 -10.31 -14.94
CA PRO A 235 -10.00 -9.79 -15.76
C PRO A 235 -10.14 -8.29 -16.03
N ILE A 257 1.71 -12.89 5.08
CA ILE A 257 0.89 -14.07 4.81
C ILE A 257 0.42 -14.03 3.35
N CYS A 258 -0.85 -14.38 3.12
CA CYS A 258 -1.38 -14.44 1.77
C CYS A 258 -2.12 -13.17 1.36
N SER A 259 -2.51 -12.34 2.31
CA SER A 259 -3.16 -11.08 2.02
C SER A 259 -2.16 -9.93 1.93
N ALA A 260 -0.90 -10.23 1.67
CA ALA A 260 0.14 -9.20 1.65
C ALA A 260 0.02 -8.35 0.39
N THR A 261 0.18 -7.04 0.56
CA THR A 261 0.17 -6.15 -0.60
C THR A 261 1.46 -6.33 -1.40
N PHE A 262 1.32 -6.52 -2.70
CA PHE A 262 2.45 -6.58 -3.60
C PHE A 262 2.47 -5.47 -4.63
N ILE A 263 1.36 -4.78 -4.84
CA ILE A 263 1.32 -3.65 -5.77
C ILE A 263 1.57 -2.37 -5.00
N GLN A 264 2.17 -1.40 -5.67
CA GLN A 264 2.28 -0.05 -5.14
C GLN A 264 2.38 0.89 -6.33
N ASN A 265 1.35 1.70 -6.54
CA ASN A 265 1.41 2.71 -7.59
C ASN A 265 2.35 3.83 -7.14
N ILE A 266 3.37 4.09 -7.94
CA ILE A 266 4.40 5.05 -7.57
C ILE A 266 4.36 6.30 -8.44
N ASP A 267 3.87 6.21 -9.67
CA ASP A 267 3.91 7.33 -10.59
C ASP A 267 2.72 8.26 -10.44
N ASN A 268 1.87 8.03 -9.45
CA ASN A 268 0.73 8.91 -9.26
C ASN A 268 1.22 10.30 -8.88
N PRO A 269 1.02 11.32 -9.71
CA PRO A 269 1.50 12.67 -9.32
C PRO A 269 0.95 13.10 -7.98
N ALA A 270 -0.34 12.87 -7.73
CA ALA A 270 -0.95 13.30 -6.49
C ALA A 270 -0.36 12.59 -5.27
N GLU A 271 0.43 11.54 -5.49
CA GLU A 271 1.01 10.76 -4.40
C GLU A 271 2.53 10.83 -4.42
N ALA A 272 3.05 12.04 -4.59
CA ALA A 272 4.48 12.29 -4.50
C ALA A 272 4.89 12.54 -3.05
N ASP A 273 6.19 12.41 -2.80
CA ASP A 273 6.77 12.69 -1.49
C ASP A 273 7.51 14.02 -1.45
N PHE A 274 8.26 14.35 -2.50
CA PHE A 274 8.81 15.68 -2.72
C PHE A 274 8.08 16.31 -3.88
N TYR A 275 7.78 17.60 -3.77
CA TYR A 275 7.13 18.28 -4.87
C TYR A 275 7.64 19.71 -4.98
N ASN A 276 7.79 20.16 -6.22
CA ASN A 276 8.08 21.54 -6.57
C ASN A 276 7.42 21.80 -7.93
N PRO A 277 6.38 22.63 -8.00
CA PRO A 277 5.63 22.77 -9.25
C PRO A 277 6.47 23.22 -10.43
N ARG A 278 7.70 23.69 -10.19
CA ARG A 278 8.57 24.13 -11.25
C ARG A 278 9.84 23.29 -11.38
N ALA A 279 10.15 22.43 -10.41
CA ALA A 279 11.30 21.54 -10.51
C ALA A 279 10.88 20.11 -10.82
N GLY A 280 9.95 19.54 -10.06
CA GLY A 280 9.48 18.21 -10.36
C GLY A 280 8.82 17.57 -9.15
N ARG A 281 8.97 16.26 -9.05
CA ARG A 281 8.36 15.48 -7.98
C ARG A 281 9.15 14.21 -7.80
N LEU A 282 9.05 13.63 -6.60
CA LEU A 282 9.70 12.36 -6.30
C LEU A 282 8.76 11.50 -5.48
N THR A 283 8.53 10.28 -5.93
CA THR A 283 7.71 9.31 -5.21
C THR A 283 8.55 8.09 -4.87
N THR A 284 8.58 7.74 -3.59
CA THR A 284 9.33 6.60 -3.11
C THR A 284 8.39 5.43 -2.82
N VAL A 285 8.97 4.23 -2.80
CA VAL A 285 8.31 3.07 -2.22
C VAL A 285 9.36 2.32 -1.41
N ASN A 286 9.12 2.19 -0.10
CA ASN A 286 10.07 1.58 0.80
C ASN A 286 9.29 0.80 1.86
N SER A 287 9.96 0.47 2.96
CA SER A 287 9.37 -0.41 3.96
C SER A 287 8.14 0.22 4.60
N LEU A 288 8.18 1.53 4.84
CA LEU A 288 7.07 2.22 5.46
C LEU A 288 5.94 2.52 4.48
N LYS A 289 6.09 2.09 3.22
CA LYS A 289 4.99 2.12 2.26
C LYS A 289 4.42 0.74 2.04
N VAL A 290 5.27 -0.24 1.74
CA VAL A 290 4.86 -1.61 1.49
C VAL A 290 5.60 -2.51 2.47
N PRO A 291 4.90 -3.28 3.32
CA PRO A 291 5.62 -4.06 4.32
C PRO A 291 6.54 -5.12 3.74
N ILE A 292 6.13 -5.78 2.66
CA ILE A 292 6.90 -6.91 2.16
C ILE A 292 8.34 -6.50 1.88
N LEU A 293 8.55 -5.24 1.50
CA LEU A 293 9.91 -4.79 1.17
C LEU A 293 10.85 -5.02 2.33
N THR A 294 10.37 -4.89 3.57
CA THR A 294 11.21 -5.20 4.72
C THR A 294 11.78 -6.60 4.62
N PHE A 295 11.07 -7.50 3.92
CA PHE A 295 11.56 -8.84 3.65
C PHE A 295 12.43 -8.89 2.40
N LEU A 296 12.14 -8.07 1.40
CA LEU A 296 12.94 -8.04 0.18
C LEU A 296 14.19 -7.19 0.33
N GLN A 297 14.21 -6.24 1.26
CA GLN A 297 15.32 -5.30 1.38
C GLN A 297 15.60 -4.62 0.04
N LEU A 298 14.53 -4.38 -0.71
CA LEU A 298 14.55 -3.64 -1.96
C LEU A 298 13.63 -2.43 -1.86
N SER A 299 13.86 -1.45 -2.71
CA SER A 299 13.04 -0.24 -2.73
C SER A 299 13.16 0.40 -4.11
N ALA A 300 12.39 1.46 -4.31
CA ALA A 300 12.39 2.14 -5.58
C ALA A 300 11.98 3.59 -5.39
N MET A 301 12.28 4.40 -6.39
CA MET A 301 11.92 5.82 -6.40
C MET A 301 11.58 6.23 -7.81
N LYS A 302 10.42 6.86 -8.00
CA LYS A 302 9.99 7.38 -9.29
C LYS A 302 10.17 8.89 -9.30
N GLY A 303 11.04 9.38 -10.18
CA GLY A 303 11.40 10.79 -10.22
C GLY A 303 11.03 11.45 -11.51
N VAL A 304 10.51 12.67 -11.41
CA VAL A 304 10.14 13.49 -12.55
C VAL A 304 10.76 14.86 -12.38
N LEU A 305 11.50 15.32 -13.39
CA LEU A 305 12.08 16.64 -13.41
C LEU A 305 11.49 17.41 -14.57
N TYR A 306 11.11 18.66 -14.32
CA TYR A 306 10.51 19.50 -15.36
C TYR A 306 11.61 20.12 -16.20
N GLU A 307 11.23 21.00 -17.13
CA GLU A 307 12.17 21.58 -18.08
C GLU A 307 13.36 22.22 -17.38
N ASN A 308 14.56 21.76 -17.74
CA ASN A 308 15.82 22.38 -17.31
C ASN A 308 15.99 22.36 -15.79
N ALA A 309 15.23 21.54 -15.09
CA ALA A 309 15.38 21.41 -13.65
C ALA A 309 16.56 20.48 -13.35
N MET A 310 16.88 20.32 -12.07
CA MET A 310 18.05 19.55 -11.66
C MET A 310 17.75 18.76 -10.39
N MET A 311 18.26 17.54 -10.34
CA MET A 311 18.28 16.74 -9.13
C MET A 311 19.60 16.97 -8.43
N ALA A 312 19.55 17.39 -7.18
CA ALA A 312 20.74 17.74 -6.41
C ALA A 312 21.83 16.69 -6.53
N PRO A 313 23.10 17.03 -6.32
CA PRO A 313 24.14 16.01 -6.24
C PRO A 313 24.03 15.27 -4.93
N LEU A 314 23.81 13.96 -5.00
CA LEU A 314 23.50 13.18 -3.83
C LEU A 314 24.24 11.85 -3.90
N TRP A 315 24.52 11.30 -2.74
CA TRP A 315 25.00 9.92 -2.61
C TRP A 315 24.05 9.18 -1.70
N ARG A 316 23.73 7.94 -2.08
CA ARG A 316 22.93 7.08 -1.22
C ARG A 316 23.80 6.41 -0.18
N LEU A 317 23.31 6.38 1.06
CA LEU A 317 24.12 5.87 2.17
C LEU A 317 24.18 4.35 2.17
N ASN A 318 23.03 3.70 2.04
CA ASN A 318 22.90 2.28 2.38
C ASN A 318 22.31 1.48 1.23
N ALA A 319 22.74 1.76 0.01
CA ALA A 319 22.24 1.00 -1.14
C ALA A 319 22.93 1.37 -2.44
N ASN A 320 23.00 0.42 -3.37
CA ASN A 320 23.23 0.74 -4.77
C ASN A 320 21.91 1.16 -5.42
N SER A 321 22.03 1.91 -6.51
CA SER A 321 20.86 2.44 -7.21
C SER A 321 20.96 2.04 -8.68
N VAL A 322 19.81 1.70 -9.26
CA VAL A 322 19.73 1.29 -10.66
C VAL A 322 18.72 2.20 -11.32
N VAL A 323 19.21 3.18 -12.08
CA VAL A 323 18.36 4.18 -12.72
C VAL A 323 17.99 3.68 -14.11
N TYR A 324 16.69 3.57 -14.37
CA TYR A 324 16.18 3.28 -15.71
C TYR A 324 15.55 4.54 -16.27
N ALA A 325 16.06 5.00 -17.40
CA ALA A 325 15.55 6.21 -18.03
C ALA A 325 14.21 5.91 -18.68
N VAL A 326 13.14 6.51 -18.16
CA VAL A 326 11.80 6.25 -18.67
C VAL A 326 11.44 7.21 -19.79
N ARG A 327 11.58 8.51 -19.54
CA ARG A 327 11.17 9.53 -20.51
C ARG A 327 12.15 10.69 -20.47
N GLY A 328 12.26 11.36 -21.60
CA GLY A 328 13.10 12.54 -21.70
C GLY A 328 14.57 12.18 -21.78
N GLU A 329 15.39 13.22 -21.59
CA GLU A 329 16.83 13.05 -21.51
C GLU A 329 17.34 13.97 -20.43
N ALA A 330 18.56 13.68 -19.95
CA ALA A 330 19.12 14.49 -18.87
C ALA A 330 20.63 14.32 -18.86
N ARG A 331 21.31 15.42 -18.58
CA ARG A 331 22.74 15.41 -18.36
C ARG A 331 23.02 14.84 -16.99
N VAL A 332 23.79 13.75 -16.93
CA VAL A 332 24.05 13.02 -15.70
C VAL A 332 25.55 12.95 -15.46
N GLN A 333 25.96 13.26 -14.23
CA GLN A 333 27.35 13.15 -13.83
C GLN A 333 27.42 12.30 -12.56
N ILE A 334 28.43 11.44 -12.49
CA ILE A 334 28.62 10.55 -11.35
C ILE A 334 30.09 10.61 -10.94
N VAL A 335 30.31 10.71 -9.63
CA VAL A 335 31.60 11.03 -9.04
C VAL A 335 31.90 9.98 -7.98
N ASP A 336 33.14 9.55 -7.91
CA ASP A 336 33.51 8.47 -7.01
C ASP A 336 34.41 8.99 -5.89
N HIS A 337 34.85 8.06 -5.03
CA HIS A 337 35.74 8.42 -3.94
C HIS A 337 36.95 9.21 -4.44
N ARG A 338 37.52 8.78 -5.56
CA ARG A 338 38.70 9.43 -6.10
C ARG A 338 38.44 10.86 -6.54
N GLY A 339 37.22 11.36 -6.38
CA GLY A 339 36.90 12.71 -6.82
C GLY A 339 36.90 12.82 -8.32
N GLU A 340 37.11 11.71 -9.01
CA GLU A 340 37.11 11.70 -10.46
C GLU A 340 35.74 11.32 -10.98
N THR A 341 35.45 11.75 -12.20
CA THR A 341 34.17 11.49 -12.84
C THR A 341 34.21 10.12 -13.50
N VAL A 342 33.30 9.24 -13.08
CA VAL A 342 33.13 7.93 -13.72
C VAL A 342 32.01 7.95 -14.74
N PHE A 343 31.17 8.98 -14.76
CA PHE A 343 30.09 9.08 -15.72
C PHE A 343 29.84 10.55 -16.02
N ASP A 344 29.65 10.86 -17.30
CA ASP A 344 29.34 12.22 -17.73
C ASP A 344 28.71 12.19 -19.10
N ASP A 345 27.40 11.91 -19.17
CA ASP A 345 26.73 11.70 -20.44
C ASP A 345 25.29 12.17 -20.33
N ASN A 346 24.59 12.14 -21.47
CA ASN A 346 23.18 12.49 -21.54
C ASN A 346 22.36 11.20 -21.58
N LEU A 347 21.73 10.88 -20.46
CA LEU A 347 20.89 9.69 -20.38
C LEU A 347 19.58 9.95 -21.09
N ARG A 348 19.06 8.90 -21.74
CA ARG A 348 17.82 9.00 -22.50
C ARG A 348 16.96 7.78 -22.22
N GLU A 349 15.66 7.92 -22.47
CA GLU A 349 14.71 6.88 -22.14
C GLU A 349 15.20 5.51 -22.60
N GLY A 350 14.78 4.47 -21.87
CA GLY A 350 15.18 3.12 -22.18
C GLY A 350 16.58 2.75 -21.75
N GLN A 351 17.36 3.70 -21.26
CA GLN A 351 18.72 3.44 -20.81
C GLN A 351 18.72 3.08 -19.32
N MET A 352 19.77 2.37 -18.92
CA MET A 352 19.93 1.93 -17.55
C MET A 352 21.35 2.18 -17.08
N VAL A 353 21.47 2.89 -15.95
CA VAL A 353 22.75 3.18 -15.33
C VAL A 353 22.66 2.74 -13.86
N VAL A 354 23.83 2.43 -13.28
CA VAL A 354 23.92 2.08 -11.87
C VAL A 354 24.78 3.13 -11.18
N VAL A 355 24.28 3.69 -10.09
CA VAL A 355 25.06 4.58 -9.25
C VAL A 355 25.41 3.81 -7.99
N PRO A 356 26.62 3.26 -7.89
CA PRO A 356 26.96 2.45 -6.72
C PRO A 356 26.80 3.24 -5.42
N GLN A 357 26.84 2.51 -4.32
CA GLN A 357 26.64 3.10 -3.00
C GLN A 357 27.67 4.19 -2.73
N ASN A 358 27.19 5.29 -2.14
CA ASN A 358 28.04 6.40 -1.72
C ASN A 358 28.59 7.21 -2.89
N PHE A 359 28.48 6.69 -4.11
CA PHE A 359 28.83 7.48 -5.28
C PHE A 359 27.86 8.65 -5.42
N VAL A 360 28.39 9.81 -5.80
CA VAL A 360 27.61 11.04 -5.87
C VAL A 360 27.15 11.22 -7.31
N VAL A 361 25.85 11.45 -7.47
CA VAL A 361 25.23 11.58 -8.78
C VAL A 361 24.48 12.90 -8.82
N VAL A 362 24.44 13.52 -9.98
CA VAL A 362 23.70 14.76 -10.21
C VAL A 362 23.09 14.71 -11.60
N LYS A 363 21.85 15.20 -11.72
CA LYS A 363 21.13 15.19 -12.98
C LYS A 363 20.57 16.58 -13.24
N GLN A 364 20.78 17.09 -14.45
CA GLN A 364 20.12 18.29 -14.92
C GLN A 364 19.27 17.91 -16.13
N ALA A 365 17.96 18.11 -16.02
CA ALA A 365 17.06 17.68 -17.08
C ALA A 365 17.19 18.58 -18.30
N GLY A 366 16.87 18.01 -19.46
CA GLY A 366 16.96 18.71 -20.72
C GLY A 366 15.74 19.56 -20.98
N SER A 367 15.58 19.95 -22.26
CA SER A 367 14.49 20.83 -22.67
C SER A 367 13.13 20.17 -22.58
N ARG A 368 13.08 18.84 -22.47
CA ARG A 368 11.83 18.10 -22.44
C ARG A 368 11.59 17.41 -21.10
N GLY A 369 12.29 17.81 -20.05
CA GLY A 369 12.16 17.15 -18.76
C GLY A 369 12.83 15.79 -18.78
N PHE A 370 12.72 15.11 -17.64
CA PHE A 370 13.33 13.79 -17.50
C PHE A 370 12.58 13.02 -16.43
N GLU A 371 12.13 11.82 -16.78
CA GLU A 371 11.43 10.93 -15.87
C GLU A 371 12.19 9.61 -15.77
N TRP A 372 12.55 9.23 -14.56
CA TRP A 372 13.38 8.06 -14.32
C TRP A 372 12.81 7.24 -13.18
N VAL A 373 13.23 5.97 -13.12
CA VAL A 373 12.92 5.10 -12.00
C VAL A 373 14.22 4.46 -11.52
N VAL A 374 14.40 4.42 -10.20
CA VAL A 374 15.62 3.89 -9.59
C VAL A 374 15.24 2.72 -8.71
N PHE A 375 15.86 1.57 -8.97
CA PHE A 375 15.73 0.41 -8.09
C PHE A 375 16.87 0.45 -7.10
N ASN A 376 16.53 0.65 -5.84
CA ASN A 376 17.53 0.69 -4.79
C ASN A 376 17.53 -0.63 -4.04
N THR A 377 18.70 -1.01 -3.55
CA THR A 377 18.93 -2.38 -3.10
C THR A 377 18.95 -2.50 -1.58
N ASN A 378 18.09 -1.74 -0.90
CA ASN A 378 17.98 -1.84 0.56
C ASN A 378 16.52 -1.61 0.96
N ASP A 379 16.22 -1.97 2.21
CA ASP A 379 14.85 -1.84 2.70
C ASP A 379 14.44 -0.38 2.81
N ASN A 380 15.31 0.48 3.35
CA ASN A 380 15.01 1.90 3.54
C ASN A 380 16.17 2.71 2.96
N ALA A 381 16.15 2.91 1.65
CA ALA A 381 17.21 3.62 0.96
C ALA A 381 17.03 5.12 1.18
N LEU A 382 17.93 5.73 1.94
CA LEU A 382 17.91 7.15 2.21
C LEU A 382 19.19 7.77 1.66
N PHE A 383 19.09 9.00 1.17
CA PHE A 383 20.21 9.67 0.52
C PHE A 383 20.60 10.93 1.28
N SER A 384 21.83 11.38 1.04
CA SER A 384 22.33 12.64 1.55
C SER A 384 22.75 13.51 0.38
N THR A 385 22.24 14.73 0.36
CA THR A 385 22.46 15.64 -0.76
C THR A 385 23.55 16.63 -0.39
N ALA A 386 24.52 16.80 -1.29
CA ALA A 386 25.63 17.70 -1.01
C ALA A 386 25.17 19.14 -0.88
N ALA A 387 24.12 19.52 -1.59
CA ALA A 387 23.59 20.87 -1.58
C ALA A 387 22.08 20.84 -1.44
N GLY A 388 21.56 21.69 -0.58
CA GLY A 388 20.11 21.77 -0.38
C GLY A 388 19.80 22.14 1.04
N ARG A 389 18.50 22.15 1.35
CA ARG A 389 18.07 22.52 2.69
C ARG A 389 18.36 21.42 3.70
N THR A 390 18.47 20.18 3.24
CA THR A 390 18.79 19.07 4.13
C THR A 390 20.12 18.44 3.74
N SER A 391 21.14 19.26 3.57
CA SER A 391 22.45 18.80 3.14
C SER A 391 23.46 18.82 4.28
N PRO A 392 24.49 17.99 4.19
CA PRO A 392 25.56 18.04 5.22
C PRO A 392 26.15 19.42 5.42
N LEU A 393 26.35 20.18 4.36
CA LEU A 393 26.95 21.51 4.50
C LEU A 393 26.16 22.35 5.49
N ARG A 394 24.83 22.31 5.43
CA ARG A 394 24.04 23.02 6.41
C ARG A 394 24.25 22.47 7.80
N GLY A 395 24.59 21.18 7.90
CA GLY A 395 24.78 20.57 9.20
C GLY A 395 26.08 20.94 9.89
N ILE A 396 27.08 21.38 9.13
CA ILE A 396 28.39 21.66 9.71
C ILE A 396 28.57 23.15 9.89
N PRO A 397 29.33 23.59 10.90
CA PRO A 397 29.46 25.03 11.17
C PRO A 397 30.12 25.77 10.01
N VAL A 398 29.91 27.09 9.98
CA VAL A 398 30.52 27.93 8.95
C VAL A 398 32.03 27.79 9.01
N GLY A 399 32.61 27.93 10.20
CA GLY A 399 34.05 27.83 10.34
C GLY A 399 34.61 26.63 9.61
N VAL A 400 33.96 25.48 9.78
CA VAL A 400 34.39 24.27 9.08
C VAL A 400 34.41 24.51 7.58
N LEU A 401 33.35 25.12 7.06
CA LEU A 401 33.31 25.45 5.64
C LEU A 401 34.49 26.34 5.25
N ALA A 402 34.71 27.41 6.01
CA ALA A 402 35.80 28.33 5.69
C ALA A 402 37.13 27.61 5.68
N ASN A 403 37.46 26.92 6.77
CA ASN A 403 38.75 26.24 6.84
C ASN A 403 38.85 25.13 5.80
N ALA A 404 37.73 24.54 5.42
CA ALA A 404 37.77 23.45 4.44
C ALA A 404 38.00 24.00 3.03
N TYR A 405 37.17 24.95 2.61
CA TYR A 405 37.28 25.53 1.28
C TYR A 405 38.08 26.82 1.27
N ARG A 406 38.61 27.24 2.42
CA ARG A 406 39.46 28.43 2.50
C ARG A 406 38.72 29.66 1.97
N LEU A 407 37.51 29.88 2.48
CA LEU A 407 36.68 31.00 2.06
C LEU A 407 36.33 31.87 3.26
N SER A 408 35.96 33.11 2.96
CA SER A 408 35.50 34.01 3.99
C SER A 408 34.17 33.52 4.56
N GLN A 409 33.90 33.89 5.81
CA GLN A 409 32.70 33.38 6.48
C GLN A 409 31.43 33.70 5.69
N GLU A 410 31.43 34.81 4.94
CA GLU A 410 30.27 35.12 4.13
C GLU A 410 30.19 34.20 2.91
N GLU A 411 31.32 33.92 2.28
CA GLU A 411 31.34 32.94 1.19
C GLU A 411 30.77 31.61 1.66
N ALA A 412 31.24 31.12 2.80
CA ALA A 412 30.71 29.89 3.36
C ALA A 412 29.21 29.99 3.59
N ARG A 413 28.77 31.11 4.20
CA ARG A 413 27.36 31.29 4.47
C ARG A 413 26.55 31.27 3.18
N ARG A 414 27.18 31.62 2.06
CA ARG A 414 26.52 31.49 0.77
C ARG A 414 26.51 30.03 0.30
N ILE A 415 27.66 29.37 0.37
CA ILE A 415 27.72 27.93 0.11
C ILE A 415 26.65 27.20 0.88
N LYS A 416 26.28 27.73 2.04
CA LYS A 416 25.50 26.99 3.01
C LYS A 416 24.02 27.33 3.00
N LEU A 417 23.65 28.59 2.74
CA LEU A 417 22.30 29.05 3.04
C LEU A 417 21.60 29.76 1.89
N ASN A 418 22.12 29.67 0.66
CA ASN A 418 21.46 30.31 -0.46
C ASN A 418 20.47 29.41 -1.18
N ARG A 419 20.71 28.11 -1.21
CA ARG A 419 19.79 27.17 -1.85
C ARG A 419 18.75 26.75 -0.83
N ASP A 420 17.57 27.37 -0.90
CA ASP A 420 16.52 27.13 0.09
C ASP A 420 15.67 25.91 -0.20
N GLU A 421 15.92 25.21 -1.31
CA GLU A 421 15.09 24.08 -1.71
C GLU A 421 15.67 22.78 -1.16
N ALA A 422 14.86 21.72 -1.22
CA ALA A 422 15.24 20.44 -0.64
C ALA A 422 16.12 19.61 -1.57
N VAL A 423 15.54 18.99 -2.60
CA VAL A 423 16.28 18.05 -3.45
C VAL A 423 16.08 18.38 -4.92
N LEU A 424 14.89 18.86 -5.28
CA LEU A 424 14.58 19.24 -6.65
C LEU A 424 14.74 20.75 -6.80
N PHE A 425 15.50 21.18 -7.80
CA PHE A 425 15.86 22.59 -7.97
C PHE A 425 15.52 23.06 -9.37
N ASN A 426 15.77 24.35 -9.61
CA ASN A 426 15.60 24.94 -10.93
C ASN A 426 16.89 24.85 -11.73
N GLU B 2 -17.57 -4.87 32.66
CA GLU B 2 -17.22 -3.93 31.59
C GLU B 2 -17.71 -4.42 30.24
N CYS B 3 -17.83 -5.75 30.10
CA CYS B 3 -18.30 -6.35 28.87
C CYS B 3 -19.31 -7.47 29.11
N ARG B 4 -19.86 -7.59 30.32
CA ARG B 4 -21.00 -8.47 30.54
C ARG B 4 -22.23 -7.82 29.92
N ILE B 5 -22.59 -8.25 28.72
CA ILE B 5 -23.62 -7.61 27.91
C ILE B 5 -24.74 -8.60 27.66
N GLN B 6 -25.98 -8.21 28.01
CA GLN B 6 -27.14 -9.06 27.75
C GLN B 6 -27.68 -8.86 26.34
N ARG B 7 -27.43 -7.71 25.73
CA ARG B 7 -27.98 -7.43 24.42
C ARG B 7 -27.12 -6.37 23.74
N LEU B 8 -27.19 -6.33 22.41
CA LEU B 8 -26.47 -5.35 21.60
C LEU B 8 -27.46 -4.47 20.87
N THR B 9 -26.95 -3.33 20.38
CA THR B 9 -27.79 -2.30 19.79
C THR B 9 -27.22 -1.80 18.47
N ALA B 10 -28.11 -1.61 17.50
CA ALA B 10 -27.78 -0.82 16.32
C ALA B 10 -27.94 0.65 16.67
N GLN B 11 -26.85 1.41 16.63
CA GLN B 11 -26.82 2.75 17.15
C GLN B 11 -26.61 3.77 16.05
N GLU B 12 -27.12 4.97 16.28
CA GLU B 12 -26.87 6.14 15.48
C GLU B 12 -26.38 7.23 16.41
N PRO B 13 -25.86 8.33 15.86
CA PRO B 13 -25.39 9.43 16.73
C PRO B 13 -26.46 9.86 17.73
N GLN B 14 -26.02 10.44 18.85
CA GLN B 14 -26.94 10.91 19.88
C GLN B 14 -26.90 12.40 20.11
N TYR B 15 -25.83 13.09 19.71
CA TYR B 15 -25.82 14.55 19.76
C TYR B 15 -25.00 15.07 18.59
N ARG B 16 -25.49 16.13 17.97
CA ARG B 16 -24.85 16.75 16.82
C ARG B 16 -23.95 17.90 17.23
N LEU B 17 -23.09 18.32 16.31
CA LEU B 17 -22.20 19.46 16.51
C LEU B 17 -22.15 20.21 15.18
N GLU B 18 -22.99 21.22 15.04
CA GLU B 18 -23.12 21.97 13.79
C GLU B 18 -22.04 23.04 13.71
N ALA B 19 -21.51 23.25 12.50
CA ALA B 19 -20.51 24.26 12.25
C ALA B 19 -20.91 25.04 11.00
N GLU B 20 -20.04 25.98 10.61
CA GLU B 20 -20.35 26.84 9.46
C GLU B 20 -20.43 26.03 8.18
N ALA B 21 -19.54 25.05 8.00
CA ALA B 21 -19.40 24.34 6.73
C ALA B 21 -19.52 22.83 6.88
N GLY B 22 -20.17 22.35 7.94
CA GLY B 22 -20.31 20.92 8.13
C GLY B 22 -20.96 20.61 9.45
N VAL B 23 -20.91 19.32 9.81
CA VAL B 23 -21.51 18.83 11.05
C VAL B 23 -20.69 17.65 11.55
N SER B 24 -20.58 17.54 12.87
CA SER B 24 -19.98 16.38 13.52
C SER B 24 -21.05 15.69 14.34
N GLU B 25 -21.36 14.44 13.97
CA GLU B 25 -22.31 13.63 14.70
C GLU B 25 -21.53 12.62 15.55
N VAL B 26 -21.80 12.63 16.86
CA VAL B 26 -21.00 11.88 17.83
C VAL B 26 -21.85 10.77 18.41
N TRP B 27 -21.38 9.53 18.30
CA TRP B 27 -22.00 8.44 19.01
C TRP B 27 -21.74 8.56 20.51
N ASP B 28 -22.64 7.98 21.29
CA ASP B 28 -22.51 8.03 22.75
C ASP B 28 -21.45 7.02 23.16
N TYR B 29 -20.20 7.47 23.16
CA TYR B 29 -19.11 6.60 23.59
C TYR B 29 -19.28 6.11 25.01
N THR B 30 -20.24 6.65 25.75
CA THR B 30 -20.48 6.24 27.12
C THR B 30 -21.52 5.13 27.22
N ASP B 31 -22.12 4.73 26.11
CA ASP B 31 -22.97 3.55 26.10
C ASP B 31 -22.12 2.32 26.35
N GLN B 32 -22.75 1.29 26.92
CA GLN B 32 -22.00 0.08 27.23
C GLN B 32 -21.53 -0.64 25.97
N GLN B 33 -22.18 -0.41 24.83
CA GLN B 33 -21.75 -1.03 23.58
C GLN B 33 -20.35 -0.56 23.18
N PHE B 34 -20.06 0.72 23.37
CA PHE B 34 -18.75 1.25 23.03
C PHE B 34 -17.75 1.12 24.19
N ARG B 35 -18.20 1.35 25.42
CA ARG B 35 -17.35 1.12 26.59
C ARG B 35 -16.60 -0.18 26.45
N CYS B 36 -17.31 -1.26 26.14
CA CYS B 36 -16.67 -2.56 25.97
C CYS B 36 -15.68 -2.52 24.83
N ALA B 37 -16.11 -2.05 23.66
CA ALA B 37 -15.21 -1.96 22.52
C ALA B 37 -14.08 -0.96 22.74
N GLY B 38 -14.20 -0.10 23.74
CA GLY B 38 -13.16 0.88 23.98
C GLY B 38 -12.90 1.78 22.79
N VAL B 39 -13.97 2.21 22.10
CA VAL B 39 -13.86 3.05 20.92
C VAL B 39 -14.85 4.21 21.04
N ALA B 40 -14.58 5.25 20.26
CA ALA B 40 -15.48 6.39 20.13
C ALA B 40 -15.76 6.62 18.66
N ALA B 41 -17.03 6.61 18.28
CA ALA B 41 -17.44 6.69 16.89
C ALA B 41 -17.93 8.09 16.55
N LEU B 42 -17.35 8.69 15.51
CA LEU B 42 -17.76 10.00 15.02
C LEU B 42 -18.14 9.91 13.55
N ARG B 43 -18.86 10.94 13.09
CA ARG B 43 -19.15 11.13 11.68
C ARG B 43 -18.93 12.60 11.36
N ASN B 44 -18.11 12.87 10.34
CA ASN B 44 -17.81 14.23 9.91
C ASN B 44 -18.38 14.45 8.52
N THR B 45 -19.17 15.52 8.38
CA THR B 45 -19.71 15.94 7.09
C THR B 45 -19.17 17.33 6.80
N ILE B 46 -18.50 17.48 5.67
CA ILE B 46 -17.80 18.69 5.30
C ILE B 46 -18.39 19.18 3.99
N ARG B 47 -19.16 20.26 4.04
CA ARG B 47 -19.79 20.80 2.86
C ARG B 47 -18.74 21.25 1.84
N PRO B 48 -19.13 21.48 0.60
CA PRO B 48 -18.20 22.06 -0.37
C PRO B 48 -17.48 23.28 0.20
N GLN B 49 -16.18 23.34 -0.08
CA GLN B 49 -15.29 24.41 0.38
C GLN B 49 -15.09 24.38 1.89
N GLY B 50 -15.49 23.31 2.56
CA GLY B 50 -15.32 23.22 3.99
C GLY B 50 -13.89 22.87 4.36
N LEU B 51 -13.42 23.45 5.45
CA LEU B 51 -12.10 23.19 5.99
C LEU B 51 -12.23 22.76 7.43
N LEU B 52 -11.76 21.56 7.74
CA LEU B 52 -11.68 21.10 9.13
C LEU B 52 -10.40 21.67 9.74
N LEU B 53 -10.56 22.44 10.81
CA LEU B 53 -9.41 23.06 11.43
C LEU B 53 -8.46 21.99 11.97
N PRO B 54 -7.17 22.30 12.08
CA PRO B 54 -6.23 21.30 12.57
C PRO B 54 -6.58 20.85 13.99
N VAL B 55 -6.41 19.55 14.23
CA VAL B 55 -6.76 18.93 15.51
C VAL B 55 -5.81 17.77 15.77
N TYR B 56 -5.68 17.40 17.05
CA TYR B 56 -5.00 16.16 17.43
C TYR B 56 -5.71 15.55 18.62
N THR B 57 -5.57 14.23 18.75
CA THR B 57 -6.31 13.46 19.74
C THR B 57 -5.34 12.55 20.50
N ASN B 58 -5.71 12.24 21.74
CA ASN B 58 -4.92 11.39 22.61
C ASN B 58 -4.92 9.93 22.19
N ALA B 59 -5.64 9.56 21.14
CA ALA B 59 -5.83 8.16 20.80
C ALA B 59 -5.66 7.95 19.33
N PRO B 60 -5.38 6.73 18.88
CA PRO B 60 -5.29 6.46 17.45
C PRO B 60 -6.65 6.61 16.79
N LYS B 61 -6.62 6.77 15.48
CA LYS B 61 -7.83 7.07 14.72
C LYS B 61 -7.77 6.39 13.37
N LEU B 62 -8.92 5.87 12.94
CA LEU B 62 -9.08 5.33 11.60
C LEU B 62 -10.31 5.98 10.97
N TYR B 63 -10.09 6.87 10.02
CA TYR B 63 -11.17 7.44 9.23
C TYR B 63 -11.45 6.55 8.03
N TYR B 64 -12.73 6.48 7.65
CA TYR B 64 -13.13 5.93 6.37
C TYR B 64 -13.91 6.99 5.60
N VAL B 65 -13.60 7.14 4.32
CA VAL B 65 -14.22 8.17 3.49
C VAL B 65 -15.46 7.55 2.85
N THR B 66 -16.61 7.80 3.47
CA THR B 66 -17.86 7.29 2.92
C THR B 66 -18.19 7.96 1.60
N GLN B 67 -17.96 9.27 1.49
CA GLN B 67 -18.44 10.04 0.36
C GLN B 67 -17.59 11.28 0.19
N GLY B 68 -17.39 11.67 -1.06
CA GLY B 68 -16.74 12.93 -1.38
C GLY B 68 -15.31 12.74 -1.87
N ARG B 69 -14.64 13.88 -2.02
CA ARG B 69 -13.24 13.92 -2.45
C ARG B 69 -12.63 15.22 -1.97
N GLY B 70 -11.43 15.13 -1.40
CA GLY B 70 -10.84 16.30 -0.80
C GLY B 70 -9.33 16.15 -0.63
N ILE B 71 -8.77 17.08 0.15
CA ILE B 71 -7.34 17.14 0.40
C ILE B 71 -7.13 17.07 1.92
N LEU B 72 -6.03 16.43 2.33
CA LEU B 72 -5.76 16.17 3.74
C LEU B 72 -4.31 16.54 4.03
N GLY B 73 -4.08 17.04 5.25
CA GLY B 73 -2.75 17.43 5.67
C GLY B 73 -2.38 16.92 7.05
N VAL B 74 -1.33 16.10 7.13
CA VAL B 74 -0.88 15.52 8.39
C VAL B 74 0.47 16.14 8.76
N LEU B 75 0.71 16.24 10.05
CA LEU B 75 1.87 16.95 10.60
C LEU B 75 2.68 15.99 11.47
N MET B 76 3.77 15.49 10.93
CA MET B 76 4.67 14.71 11.78
C MET B 76 5.68 15.62 12.46
N PRO B 77 6.13 15.24 13.66
CA PRO B 77 7.04 16.11 14.42
C PRO B 77 8.42 16.18 13.77
N GLY B 78 8.94 17.39 13.66
CA GLY B 78 10.32 17.61 13.27
C GLY B 78 10.72 16.94 11.98
N CYS B 79 9.97 17.16 10.90
CA CYS B 79 10.31 16.63 9.59
C CYS B 79 10.22 17.76 8.57
N PRO B 80 11.20 17.90 7.68
CA PRO B 80 11.21 19.04 6.76
C PRO B 80 9.98 19.04 5.86
N GLU B 81 9.82 20.17 5.16
CA GLU B 81 8.71 20.35 4.23
C GLU B 81 9.17 19.99 2.82
N THR B 82 8.56 18.98 2.25
CA THR B 82 8.94 18.49 0.93
C THR B 82 8.04 19.00 -0.18
N PHE B 83 7.10 19.88 0.14
CA PHE B 83 6.27 20.56 -0.85
C PHE B 83 6.62 22.04 -0.79
N GLN B 84 7.25 22.53 -1.85
CA GLN B 84 7.75 23.89 -1.87
C GLN B 84 7.43 24.53 -3.21
N SER B 85 6.88 25.75 -3.16
CA SER B 85 6.56 26.50 -4.36
C SER B 85 7.58 27.61 -4.59
N ASP B 104 4.56 28.76 -1.17
CA ASP B 104 4.62 28.38 0.23
C ASP B 104 5.32 27.03 0.39
N GLN B 105 5.81 26.78 1.60
CA GLN B 105 6.59 25.58 1.91
C GLN B 105 5.90 24.83 3.05
N HIS B 106 5.60 23.56 2.84
CA HIS B 106 4.83 22.79 3.81
C HIS B 106 4.97 21.31 3.46
N GLN B 107 4.36 20.45 4.28
CA GLN B 107 4.44 19.01 4.11
C GLN B 107 3.47 18.55 3.02
N LYS B 108 3.64 17.29 2.62
CA LYS B 108 2.88 16.74 1.52
C LYS B 108 1.42 16.57 1.93
N VAL B 109 0.53 17.32 1.27
CA VAL B 109 -0.89 17.07 1.44
C VAL B 109 -1.24 15.74 0.76
N HIS B 110 -2.41 15.22 1.10
CA HIS B 110 -2.86 13.93 0.59
C HIS B 110 -4.23 14.07 -0.07
N HIS B 111 -4.51 13.17 -1.01
CA HIS B 111 -5.77 13.17 -1.75
C HIS B 111 -6.73 12.19 -1.10
N LEU B 112 -7.91 12.70 -0.73
CA LEU B 112 -8.96 11.86 -0.16
C LEU B 112 -10.00 11.58 -1.22
N LYS B 113 -10.39 10.31 -1.33
CA LYS B 113 -11.44 9.87 -2.23
C LYS B 113 -12.26 8.79 -1.56
N LYS B 114 -13.54 8.76 -1.91
CA LYS B 114 -14.44 7.72 -1.40
C LYS B 114 -13.75 6.37 -1.40
N GLY B 115 -13.94 5.63 -0.32
CA GLY B 115 -13.34 4.32 -0.18
C GLY B 115 -11.95 4.30 0.39
N ASP B 116 -11.46 5.43 0.90
CA ASP B 116 -10.12 5.49 1.47
C ASP B 116 -10.18 5.25 2.98
N ILE B 117 -9.11 4.65 3.50
CA ILE B 117 -8.92 4.48 4.93
C ILE B 117 -7.74 5.32 5.35
N ILE B 118 -7.89 6.06 6.44
CA ILE B 118 -6.85 6.95 6.94
C ILE B 118 -6.55 6.54 8.38
N ALA B 119 -5.28 6.32 8.66
CA ALA B 119 -4.80 6.01 10.01
C ALA B 119 -4.00 7.19 10.51
N ILE B 120 -4.40 7.74 11.65
CA ILE B 120 -3.75 8.89 12.24
C ILE B 120 -3.29 8.51 13.64
N PRO B 121 -1.99 8.59 13.96
CA PRO B 121 -1.56 8.26 15.32
C PRO B 121 -2.13 9.25 16.33
N ALA B 122 -1.93 8.91 17.60
CA ALA B 122 -2.33 9.81 18.67
C ALA B 122 -1.33 10.95 18.78
N GLY B 123 -1.86 12.17 18.92
CA GLY B 123 -1.03 13.32 19.18
C GLY B 123 -0.54 14.06 17.95
N VAL B 124 -0.79 13.55 16.74
CA VAL B 124 -0.34 14.19 15.51
C VAL B 124 -1.48 15.06 14.98
N ALA B 125 -1.14 16.25 14.50
CA ALA B 125 -2.14 17.20 14.05
C ALA B 125 -2.54 16.91 12.61
N LEU B 126 -3.83 17.10 12.32
CA LEU B 126 -4.34 16.91 10.97
C LEU B 126 -5.39 17.96 10.67
N TRP B 127 -5.35 18.50 9.44
CA TRP B 127 -6.41 19.33 8.91
C TRP B 127 -6.93 18.69 7.64
N CYS B 128 -8.11 19.13 7.20
CA CYS B 128 -8.71 18.58 6.00
C CYS B 128 -9.59 19.64 5.35
N TYR B 129 -9.65 19.60 4.03
CA TYR B 129 -10.40 20.58 3.25
C TYR B 129 -11.19 19.88 2.16
N ASN B 130 -12.43 20.32 1.97
CA ASN B 130 -13.32 19.75 0.96
C ASN B 130 -13.28 20.66 -0.27
N ASP B 131 -12.49 20.27 -1.28
CA ASP B 131 -12.39 20.99 -2.53
C ASP B 131 -13.24 20.37 -3.63
N GLY B 132 -14.34 19.71 -3.25
CA GLY B 132 -15.20 19.04 -4.20
C GLY B 132 -16.63 19.59 -4.16
N ASP B 133 -17.44 19.13 -5.11
CA ASP B 133 -18.82 19.60 -5.25
C ASP B 133 -19.81 18.80 -4.42
N GLU B 134 -19.39 17.70 -3.80
CA GLU B 134 -20.27 16.83 -3.03
C GLU B 134 -19.84 16.81 -1.57
N ASP B 135 -20.81 16.60 -0.69
CA ASP B 135 -20.52 16.53 0.74
C ASP B 135 -19.49 15.43 1.01
N LEU B 136 -18.47 15.79 1.79
CA LEU B 136 -17.39 14.88 2.12
C LEU B 136 -17.72 14.24 3.48
N VAL B 137 -18.17 13.00 3.44
CA VAL B 137 -18.63 12.28 4.63
C VAL B 137 -17.56 11.26 4.99
N THR B 138 -17.03 11.38 6.22
CA THR B 138 -16.04 10.45 6.73
C THR B 138 -16.51 9.92 8.07
N VAL B 139 -16.44 8.61 8.25
CA VAL B 139 -16.76 7.97 9.51
C VAL B 139 -15.46 7.69 10.25
N LEU B 140 -15.53 7.74 11.58
CA LEU B 140 -14.34 7.82 12.41
C LEU B 140 -14.53 6.93 13.63
N VAL B 141 -13.49 6.16 13.96
CA VAL B 141 -13.41 5.49 15.26
C VAL B 141 -12.10 5.88 15.91
N GLN B 142 -12.17 6.15 17.21
CA GLN B 142 -11.00 6.50 18.00
C GLN B 142 -10.81 5.43 19.06
N HIS B 143 -9.65 4.79 19.06
CA HIS B 143 -9.39 3.65 19.94
C HIS B 143 -8.90 4.19 21.28
N THR B 144 -9.82 4.34 22.23
CA THR B 144 -9.49 4.90 23.53
C THR B 144 -8.87 3.87 24.47
N ALA B 145 -9.04 2.58 24.20
CA ALA B 145 -8.46 1.53 25.03
C ALA B 145 -7.09 1.10 24.52
N SER B 146 -6.41 1.95 23.77
CA SER B 146 -5.07 1.64 23.26
C SER B 146 -4.02 2.17 24.21
N ASP B 147 -2.97 1.36 24.41
CA ASP B 147 -1.89 1.78 25.30
C ASP B 147 -1.30 3.11 24.89
N LEU B 148 -1.43 3.49 23.61
CA LEU B 148 -0.92 4.78 23.18
C LEU B 148 -1.65 5.92 23.87
N ASN B 149 -2.90 5.69 24.28
CA ASN B 149 -3.67 6.70 25.01
C ASN B 149 -3.38 6.56 26.49
N GLN B 150 -2.72 7.56 27.07
CA GLN B 150 -2.35 7.55 28.47
C GLN B 150 -3.20 8.51 29.30
N LEU B 151 -4.35 8.93 28.78
CA LEU B 151 -5.28 9.76 29.54
C LEU B 151 -6.48 8.95 29.99
N ASP B 152 -7.67 9.26 29.47
CA ASP B 152 -8.91 8.59 29.84
C ASP B 152 -9.47 7.82 28.66
N GLN B 153 -10.53 7.06 28.94
CA GLN B 153 -11.27 6.33 27.92
C GLN B 153 -12.38 7.17 27.34
N ASN B 154 -12.14 8.47 27.13
CA ASN B 154 -13.12 9.36 26.54
C ASN B 154 -12.45 10.23 25.49
N PRO B 155 -13.11 10.52 24.37
CA PRO B 155 -12.48 11.30 23.31
C PRO B 155 -12.14 12.71 23.78
N ARG B 156 -10.99 13.20 23.30
CA ARG B 156 -10.52 14.55 23.60
C ARG B 156 -9.89 15.11 22.33
N HIS B 157 -10.41 16.23 21.85
CA HIS B 157 -9.93 16.85 20.61
C HIS B 157 -9.27 18.19 20.95
N PHE B 158 -7.96 18.26 20.72
CA PHE B 158 -7.19 19.49 20.91
C PHE B 158 -7.11 20.21 19.57
N PHE B 159 -7.84 21.31 19.43
CA PHE B 159 -7.77 22.10 18.23
C PHE B 159 -6.71 23.18 18.37
N LEU B 160 -6.17 23.59 17.23
CA LEU B 160 -5.29 24.75 17.17
C LEU B 160 -6.02 25.97 16.64
N ALA B 161 -7.34 25.88 16.50
CA ALA B 161 -8.15 26.91 15.87
C ALA B 161 -9.61 26.65 16.18
N GLY B 162 -10.39 27.73 16.24
CA GLY B 162 -11.84 27.61 16.22
C GLY B 162 -12.49 27.35 17.56
N ASN B 163 -13.63 26.68 17.53
CA ASN B 163 -14.46 26.47 18.70
C ASN B 163 -14.54 27.73 19.56
N LEU B 184 -15.70 18.34 25.58
CA LEU B 184 -15.12 17.22 24.84
C LEU B 184 -14.03 17.70 23.90
N ALA B 185 -14.32 18.78 23.19
CA ALA B 185 -13.41 19.36 22.21
C ALA B 185 -13.19 20.84 22.54
N ASP B 186 -12.06 21.38 22.07
CA ASP B 186 -11.87 22.82 22.17
C ASP B 186 -10.52 23.20 21.58
N ASN B 187 -10.35 24.51 21.43
CA ASN B 187 -9.16 25.11 20.84
C ASN B 187 -8.11 25.31 21.91
N VAL B 188 -6.91 24.78 21.67
CA VAL B 188 -5.83 24.87 22.64
C VAL B 188 -5.34 26.31 22.76
N PHE B 189 -4.83 26.86 21.66
CA PHE B 189 -4.25 28.20 21.64
C PHE B 189 -5.01 29.17 22.52
N LYS B 190 -6.34 28.99 22.61
CA LYS B 190 -7.14 29.76 23.55
C LYS B 190 -6.44 29.95 24.89
N GLY B 191 -6.13 28.83 25.55
CA GLY B 191 -5.73 28.88 26.95
C GLY B 191 -4.60 29.83 27.25
N PHE B 192 -3.66 30.02 26.33
CA PHE B 192 -2.49 30.79 26.72
C PHE B 192 -2.61 32.31 26.71
N ASN B 193 -1.68 32.93 27.44
CA ASN B 193 -1.72 34.35 27.70
C ASN B 193 -1.39 35.14 26.45
N MET B 194 -1.94 36.35 26.37
CA MET B 194 -1.75 37.17 25.18
C MET B 194 -0.29 37.57 25.00
N GLU B 195 0.44 37.78 26.10
CA GLU B 195 1.80 38.30 26.01
C GLU B 195 2.86 37.20 26.11
N ALA B 196 2.72 36.26 27.05
CA ALA B 196 3.64 35.13 27.11
C ALA B 196 3.78 34.49 25.73
N LEU B 197 2.66 34.35 25.04
CA LEU B 197 2.66 33.82 23.69
C LEU B 197 3.03 34.87 22.65
N ALA B 198 2.90 36.15 22.99
CA ALA B 198 3.35 37.20 22.08
C ALA B 198 4.85 37.10 21.82
N ASP B 199 5.63 37.04 22.88
CA ASP B 199 7.08 37.14 22.72
C ASP B 199 7.73 35.82 22.32
N VAL B 200 6.96 34.78 21.98
CA VAL B 200 7.57 33.61 21.38
C VAL B 200 7.52 33.67 19.85
N LEU B 201 6.69 34.54 19.29
CA LEU B 201 6.63 34.78 17.86
C LEU B 201 6.20 36.22 17.65
N GLY B 202 6.80 36.88 16.66
CA GLY B 202 6.51 38.27 16.39
C GLY B 202 5.02 38.60 16.38
N ALA B 210 -1.12 40.52 17.89
CA ALA B 210 -0.85 39.78 16.66
C ALA B 210 -1.60 38.46 16.67
N ARG B 211 -1.73 37.85 17.85
CA ARG B 211 -2.27 36.50 17.99
C ARG B 211 -3.78 36.57 18.19
N LYS B 212 -4.52 36.53 17.09
CA LYS B 212 -5.92 36.14 17.08
C LYS B 212 -6.06 34.68 16.66
N VAL B 213 -4.94 33.95 16.62
CA VAL B 213 -4.96 32.50 16.62
C VAL B 213 -5.79 31.97 17.77
N ARG B 214 -6.09 32.83 18.75
CA ARG B 214 -7.22 32.64 19.66
C ARG B 214 -8.49 33.00 18.90
N GLY B 215 -8.98 32.04 18.12
CA GLY B 215 -10.18 32.26 17.34
C GLY B 215 -11.42 32.34 18.21
N GLN B 219 -16.83 32.27 16.67
CA GLN B 219 -17.61 31.03 16.73
C GLN B 219 -18.15 30.67 15.35
N ARG B 220 -17.27 30.11 14.51
CA ARG B 220 -17.68 29.49 13.26
C ARG B 220 -17.81 27.99 13.39
N GLY B 221 -17.48 27.44 14.57
CA GLY B 221 -17.47 26.00 14.77
C GLY B 221 -16.07 25.44 14.60
N HIS B 222 -15.99 24.22 14.09
CA HIS B 222 -14.72 23.57 13.80
C HIS B 222 -14.52 23.30 12.33
N ILE B 223 -15.57 23.35 11.51
CA ILE B 223 -15.49 23.24 10.07
C ILE B 223 -15.94 24.57 9.48
N VAL B 224 -15.04 25.27 8.81
CA VAL B 224 -15.29 26.63 8.37
C VAL B 224 -15.42 26.67 6.86
N ARG B 225 -16.09 27.71 6.37
CA ARG B 225 -16.28 27.89 4.95
C ARG B 225 -15.03 28.46 4.32
N VAL B 226 -14.71 28.00 3.12
CA VAL B 226 -13.55 28.49 2.38
C VAL B 226 -12.29 28.31 3.22
N VAL B 232 -3.47 26.06 -1.07
CA VAL B 232 -2.39 25.08 -0.93
C VAL B 232 -1.61 25.00 -2.23
N ILE B 233 -0.44 24.36 -2.15
CA ILE B 233 0.43 24.26 -3.33
C ILE B 233 -0.27 23.48 -4.43
N ARG B 234 -0.92 22.37 -4.07
CA ARG B 234 -1.68 21.56 -5.02
C ARG B 234 -3.11 21.41 -4.50
N PRO B 235 -4.03 22.30 -4.92
CA PRO B 235 -5.43 22.16 -4.52
C PRO B 235 -6.27 21.40 -5.54
N ILE B 257 8.63 6.82 9.84
CA ILE B 257 9.13 8.19 9.94
C ILE B 257 8.08 9.15 9.36
N CYS B 258 8.44 9.91 8.33
CA CYS B 258 7.55 10.93 7.78
C CYS B 258 7.22 10.73 6.32
N SER B 259 7.82 9.73 5.66
CA SER B 259 7.39 9.31 4.34
C SER B 259 6.51 8.06 4.40
N ALA B 260 5.75 7.92 5.49
CA ALA B 260 4.93 6.74 5.70
C ALA B 260 3.59 6.90 5.00
N THR B 261 3.07 5.78 4.48
CA THR B 261 1.77 5.78 3.82
C THR B 261 0.67 5.75 4.87
N PHE B 262 -0.22 6.75 4.83
CA PHE B 262 -1.38 6.79 5.71
C PHE B 262 -2.69 6.51 5.01
N ILE B 263 -2.75 6.69 3.70
CA ILE B 263 -3.96 6.40 2.94
C ILE B 263 -3.86 4.99 2.39
N GLN B 264 -5.01 4.33 2.28
CA GLN B 264 -5.05 3.05 1.57
C GLN B 264 -6.44 2.89 0.96
N ASN B 265 -6.46 2.50 -0.31
CA ASN B 265 -7.72 2.24 -1.00
C ASN B 265 -8.31 0.93 -0.50
N ILE B 266 -9.58 0.97 -0.09
CA ILE B 266 -10.21 -0.22 0.48
C ILE B 266 -11.50 -0.53 -0.25
N ASP B 267 -12.19 0.50 -0.74
CA ASP B 267 -13.49 0.29 -1.35
C ASP B 267 -13.43 -0.12 -2.81
N ASN B 268 -12.26 -0.08 -3.43
CA ASN B 268 -12.18 -0.40 -4.85
C ASN B 268 -12.36 -1.90 -5.05
N PRO B 269 -13.07 -2.31 -6.12
CA PRO B 269 -13.26 -3.76 -6.32
C PRO B 269 -12.00 -4.47 -6.78
N ALA B 270 -11.22 -3.84 -7.67
CA ALA B 270 -10.08 -4.50 -8.27
C ALA B 270 -9.08 -5.01 -7.23
N GLU B 271 -9.09 -4.44 -6.03
CA GLU B 271 -8.14 -4.80 -4.97
C GLU B 271 -8.84 -5.52 -3.83
N ALA B 272 -9.84 -6.33 -4.16
CA ALA B 272 -10.50 -7.14 -3.15
C ALA B 272 -9.58 -8.29 -2.71
N ASP B 273 -9.85 -8.79 -1.51
CA ASP B 273 -9.13 -9.94 -0.98
C ASP B 273 -9.89 -11.24 -1.22
N PHE B 274 -11.16 -11.27 -0.86
CA PHE B 274 -12.05 -12.38 -1.17
C PHE B 274 -13.09 -11.91 -2.18
N TYR B 275 -13.47 -12.80 -3.08
CA TYR B 275 -14.44 -12.42 -4.10
C TYR B 275 -15.26 -13.63 -4.54
N ASN B 276 -16.54 -13.38 -4.77
CA ASN B 276 -17.46 -14.34 -5.36
C ASN B 276 -18.42 -13.53 -6.23
N PRO B 277 -18.37 -13.67 -7.55
CA PRO B 277 -19.25 -12.85 -8.41
C PRO B 277 -20.72 -12.99 -8.07
N ARG B 278 -21.11 -14.00 -7.29
CA ARG B 278 -22.49 -14.17 -6.89
C ARG B 278 -22.75 -13.78 -5.44
N ALA B 279 -21.75 -13.87 -4.57
CA ALA B 279 -21.94 -13.57 -3.16
C ALA B 279 -21.46 -12.18 -2.78
N GLY B 280 -20.25 -11.80 -3.19
CA GLY B 280 -19.76 -10.48 -2.89
C GLY B 280 -18.25 -10.37 -2.91
N ARG B 281 -17.69 -9.57 -2.00
CA ARG B 281 -16.26 -9.34 -1.97
C ARG B 281 -15.86 -8.76 -0.61
N LEU B 282 -14.60 -9.01 -0.24
CA LEU B 282 -14.05 -8.53 1.03
C LEU B 282 -12.67 -7.95 0.77
N THR B 283 -12.43 -6.76 1.32
CA THR B 283 -11.13 -6.10 1.21
C THR B 283 -10.68 -5.70 2.60
N THR B 284 -9.46 -6.06 2.95
CA THR B 284 -8.91 -5.82 4.28
C THR B 284 -7.77 -4.82 4.19
N VAL B 285 -7.62 -4.04 5.27
CA VAL B 285 -6.42 -3.25 5.50
C VAL B 285 -5.91 -3.61 6.88
N ASN B 286 -4.62 -3.90 6.98
CA ASN B 286 -4.03 -4.31 8.25
C ASN B 286 -2.53 -4.06 8.17
N SER B 287 -1.81 -4.57 9.18
CA SER B 287 -0.39 -4.29 9.30
C SER B 287 0.40 -4.74 8.07
N LEU B 288 -0.05 -5.81 7.42
CA LEU B 288 0.63 -6.33 6.25
C LEU B 288 0.22 -5.62 4.98
N LYS B 289 -0.60 -4.57 5.08
CA LYS B 289 -0.85 -3.66 3.97
C LYS B 289 -0.35 -2.26 4.28
N VAL B 290 -0.68 -1.72 5.43
CA VAL B 290 -0.24 -0.38 5.83
C VAL B 290 0.67 -0.55 7.04
N PRO B 291 1.97 -0.26 6.94
CA PRO B 291 2.88 -0.56 8.05
C PRO B 291 2.56 0.18 9.35
N ILE B 292 2.17 1.46 9.29
CA ILE B 292 1.99 2.20 10.53
C ILE B 292 0.99 1.51 11.44
N LEU B 293 0.09 0.70 10.88
CA LEU B 293 -0.91 0.04 11.71
C LEU B 293 -0.25 -0.87 12.74
N THR B 294 0.96 -1.37 12.46
CA THR B 294 1.68 -2.12 13.49
C THR B 294 1.74 -1.33 14.78
N PHE B 295 1.91 -0.01 14.67
CA PHE B 295 1.96 0.84 15.83
C PHE B 295 0.57 1.19 16.34
N LEU B 296 -0.42 1.26 15.45
CA LEU B 296 -1.78 1.59 15.88
C LEU B 296 -2.53 0.38 16.43
N GLN B 297 -2.17 -0.83 15.99
CA GLN B 297 -2.90 -2.04 16.38
C GLN B 297 -4.38 -1.94 16.03
N LEU B 298 -4.68 -1.27 14.92
CA LEU B 298 -6.02 -1.18 14.38
C LEU B 298 -6.05 -1.86 13.02
N SER B 299 -7.25 -2.02 12.48
CA SER B 299 -7.42 -2.56 11.14
C SER B 299 -8.88 -2.38 10.75
N ALA B 300 -9.18 -2.71 9.50
CA ALA B 300 -10.51 -2.51 8.97
C ALA B 300 -10.77 -3.52 7.86
N MET B 301 -12.05 -3.73 7.58
CA MET B 301 -12.47 -4.56 6.46
C MET B 301 -13.67 -3.92 5.80
N LYS B 302 -13.63 -3.77 4.48
CA LYS B 302 -14.75 -3.30 3.69
C LYS B 302 -15.43 -4.50 3.07
N GLY B 303 -16.71 -4.67 3.35
CA GLY B 303 -17.47 -5.83 2.91
C GLY B 303 -18.63 -5.44 2.02
N VAL B 304 -18.86 -6.23 0.97
CA VAL B 304 -19.96 -6.02 0.05
C VAL B 304 -20.65 -7.37 -0.15
N LEU B 305 -21.94 -7.41 0.12
CA LEU B 305 -22.76 -8.59 -0.14
C LEU B 305 -23.83 -8.23 -1.17
N TYR B 306 -23.95 -9.04 -2.20
CA TYR B 306 -24.98 -8.82 -3.21
C TYR B 306 -26.33 -9.24 -2.64
N GLU B 307 -27.38 -9.07 -3.44
CA GLU B 307 -28.72 -9.38 -2.99
C GLU B 307 -28.87 -10.88 -2.71
N ASN B 308 -29.35 -11.20 -1.52
CA ASN B 308 -29.66 -12.56 -1.08
C ASN B 308 -28.41 -13.36 -0.70
N ALA B 309 -27.20 -12.84 -0.90
CA ALA B 309 -26.00 -13.51 -0.45
C ALA B 309 -25.88 -13.39 1.07
N MET B 310 -25.01 -14.20 1.66
CA MET B 310 -24.85 -14.16 3.11
C MET B 310 -23.40 -14.38 3.50
N MET B 311 -23.04 -13.75 4.62
CA MET B 311 -21.72 -13.86 5.23
C MET B 311 -21.71 -15.06 6.16
N ALA B 312 -20.72 -15.93 5.99
CA ALA B 312 -20.60 -17.10 6.85
C ALA B 312 -20.61 -16.67 8.31
N PRO B 313 -21.13 -17.49 9.22
CA PRO B 313 -21.08 -17.11 10.64
C PRO B 313 -19.65 -17.22 11.15
N LEU B 314 -19.23 -16.19 11.89
CA LEU B 314 -17.82 -16.06 12.25
C LEU B 314 -17.68 -15.42 13.61
N TRP B 315 -16.51 -15.62 14.22
CA TRP B 315 -16.09 -14.86 15.38
C TRP B 315 -14.66 -14.41 15.16
N ARG B 316 -14.31 -13.27 15.75
CA ARG B 316 -12.98 -12.69 15.64
C ARG B 316 -12.17 -13.07 16.88
N LEU B 317 -10.95 -13.56 16.66
CA LEU B 317 -10.17 -14.16 17.73
C LEU B 317 -9.57 -13.11 18.66
N ASN B 318 -9.07 -12.01 18.12
CA ASN B 318 -8.18 -11.13 18.86
C ASN B 318 -8.55 -9.67 18.68
N ALA B 319 -9.85 -9.36 18.63
CA ALA B 319 -10.25 -7.97 18.47
C ALA B 319 -11.76 -7.84 18.60
N ASN B 320 -12.19 -6.63 18.94
CA ASN B 320 -13.58 -6.23 18.85
C ASN B 320 -13.85 -5.62 17.48
N SER B 321 -15.13 -5.63 17.08
CA SER B 321 -15.53 -5.17 15.75
C SER B 321 -16.51 -4.02 15.85
N VAL B 322 -16.30 -3.02 15.01
CA VAL B 322 -17.18 -1.85 14.92
C VAL B 322 -17.69 -1.81 13.49
N VAL B 323 -18.89 -2.35 13.28
CA VAL B 323 -19.47 -2.44 11.95
C VAL B 323 -20.30 -1.18 11.69
N TYR B 324 -20.02 -0.52 10.56
CA TYR B 324 -20.82 0.61 10.12
C TYR B 324 -21.42 0.28 8.75
N ALA B 325 -22.75 0.40 8.66
CA ALA B 325 -23.46 0.06 7.44
C ALA B 325 -23.46 1.24 6.48
N VAL B 326 -22.84 1.06 5.32
CA VAL B 326 -22.69 2.14 4.35
C VAL B 326 -23.74 2.09 3.23
N ARG B 327 -24.34 0.94 2.98
CA ARG B 327 -25.39 0.87 1.97
C ARG B 327 -26.21 -0.39 2.15
N GLY B 328 -27.48 -0.29 1.79
CA GLY B 328 -28.34 -1.45 1.76
C GLY B 328 -28.87 -1.82 3.13
N GLU B 329 -29.42 -3.04 3.19
CA GLU B 329 -29.97 -3.59 4.43
C GLU B 329 -29.58 -5.06 4.51
N ALA B 330 -29.55 -5.57 5.74
CA ALA B 330 -29.17 -6.97 5.95
C ALA B 330 -29.60 -7.41 7.34
N ARG B 331 -30.10 -8.63 7.43
CA ARG B 331 -30.35 -9.24 8.74
C ARG B 331 -29.02 -9.64 9.37
N VAL B 332 -28.84 -9.28 10.64
CA VAL B 332 -27.58 -9.46 11.34
C VAL B 332 -27.87 -10.06 12.71
N GLN B 333 -27.21 -11.16 13.03
CA GLN B 333 -27.39 -11.85 14.29
C GLN B 333 -26.06 -11.96 15.02
N ILE B 334 -26.11 -11.85 16.35
CA ILE B 334 -24.91 -11.87 17.17
C ILE B 334 -25.15 -12.75 18.39
N VAL B 335 -24.15 -13.54 18.75
CA VAL B 335 -24.24 -14.50 19.85
C VAL B 335 -23.00 -14.37 20.71
N ASP B 336 -23.16 -14.67 22.00
CA ASP B 336 -22.08 -14.63 22.97
C ASP B 336 -21.79 -16.04 23.48
N HIS B 337 -21.13 -16.13 24.64
CA HIS B 337 -20.83 -17.42 25.24
C HIS B 337 -22.09 -18.14 25.67
N ARG B 338 -22.99 -17.43 26.36
CA ARG B 338 -24.17 -18.09 26.94
C ARG B 338 -25.14 -18.62 25.90
N GLY B 339 -24.84 -18.48 24.61
CA GLY B 339 -25.72 -18.97 23.58
C GLY B 339 -26.98 -18.15 23.35
N GLU B 340 -27.17 -17.08 24.11
CA GLU B 340 -28.32 -16.20 23.94
C GLU B 340 -27.99 -15.15 22.89
N THR B 341 -28.93 -14.91 21.97
CA THR B 341 -28.68 -13.95 20.90
C THR B 341 -28.88 -12.54 21.44
N VAL B 342 -27.85 -11.71 21.30
CA VAL B 342 -27.90 -10.34 21.79
C VAL B 342 -28.34 -9.36 20.72
N PHE B 343 -28.42 -9.79 19.47
CA PHE B 343 -28.82 -8.92 18.37
C PHE B 343 -29.36 -9.79 17.24
N ASP B 344 -30.52 -9.42 16.70
CA ASP B 344 -31.10 -10.11 15.53
C ASP B 344 -32.05 -9.09 14.88
N ASP B 345 -31.47 -8.20 14.09
CA ASP B 345 -32.22 -7.10 13.52
C ASP B 345 -31.69 -6.79 12.12
N ASN B 346 -32.42 -5.90 11.44
CA ASN B 346 -32.06 -5.46 10.09
C ASN B 346 -31.18 -4.22 10.20
N LEU B 347 -29.89 -4.40 9.92
CA LEU B 347 -28.99 -3.26 9.85
C LEU B 347 -29.23 -2.49 8.56
N ARG B 348 -29.16 -1.16 8.66
CA ARG B 348 -29.43 -0.28 7.53
C ARG B 348 -28.38 0.81 7.45
N GLU B 349 -28.15 1.30 6.23
CA GLU B 349 -27.16 2.34 5.99
C GLU B 349 -27.18 3.38 7.09
N GLY B 350 -26.00 3.82 7.49
CA GLY B 350 -25.88 4.85 8.51
C GLY B 350 -25.94 4.37 9.93
N GLN B 351 -26.24 3.09 10.16
CA GLN B 351 -26.25 2.55 11.50
C GLN B 351 -24.90 1.90 11.83
N MET B 352 -24.62 1.81 13.12
CA MET B 352 -23.34 1.27 13.60
C MET B 352 -23.59 0.25 14.69
N VAL B 353 -23.13 -0.97 14.47
CA VAL B 353 -23.24 -2.05 15.44
C VAL B 353 -21.83 -2.45 15.84
N VAL B 354 -21.72 -3.01 17.04
CA VAL B 354 -20.46 -3.46 17.61
C VAL B 354 -20.56 -4.95 17.85
N VAL B 355 -19.54 -5.69 17.45
CA VAL B 355 -19.47 -7.13 17.63
C VAL B 355 -18.27 -7.43 18.52
N PRO B 356 -18.49 -7.62 19.83
CA PRO B 356 -17.36 -7.82 20.73
C PRO B 356 -16.49 -9.00 20.33
N GLN B 357 -15.35 -9.09 21.00
CA GLN B 357 -14.41 -10.18 20.73
C GLN B 357 -15.07 -11.52 21.01
N ASN B 358 -14.86 -12.45 20.09
CA ASN B 358 -15.31 -13.84 20.25
C ASN B 358 -16.83 -13.98 20.17
N PHE B 359 -17.56 -12.87 20.19
CA PHE B 359 -18.96 -12.90 19.82
C PHE B 359 -19.07 -13.23 18.33
N VAL B 360 -20.08 -14.02 17.97
CA VAL B 360 -20.20 -14.55 16.63
C VAL B 360 -21.26 -13.75 15.88
N VAL B 361 -20.94 -13.35 14.65
CA VAL B 361 -21.88 -12.64 13.80
C VAL B 361 -22.34 -13.58 12.70
N VAL B 362 -23.42 -13.17 12.05
CA VAL B 362 -23.82 -13.72 10.76
C VAL B 362 -24.71 -12.71 10.09
N LYS B 363 -24.51 -12.53 8.79
CA LYS B 363 -25.25 -11.54 8.01
C LYS B 363 -25.88 -12.24 6.81
N GLN B 364 -27.14 -11.94 6.54
CA GLN B 364 -27.78 -12.27 5.27
C GLN B 364 -28.31 -10.98 4.67
N ALA B 365 -27.76 -10.59 3.52
CA ALA B 365 -28.13 -9.33 2.91
C ALA B 365 -29.62 -9.27 2.63
N GLY B 366 -30.17 -8.06 2.57
CA GLY B 366 -31.56 -7.85 2.25
C GLY B 366 -31.81 -7.82 0.75
N SER B 367 -32.84 -7.07 0.36
CA SER B 367 -33.24 -7.05 -1.04
C SER B 367 -32.26 -6.26 -1.91
N ARG B 368 -31.66 -5.21 -1.37
CA ARG B 368 -30.79 -4.33 -2.12
C ARG B 368 -29.31 -4.58 -1.84
N GLY B 369 -28.95 -5.78 -1.37
CA GLY B 369 -27.58 -6.04 -1.01
C GLY B 369 -27.21 -5.33 0.28
N PHE B 370 -25.91 -5.35 0.57
CA PHE B 370 -25.41 -4.77 1.81
C PHE B 370 -23.94 -4.42 1.65
N GLU B 371 -23.55 -3.29 2.22
CA GLU B 371 -22.17 -2.84 2.21
C GLU B 371 -21.84 -2.25 3.58
N TRP B 372 -20.70 -2.63 4.13
CA TRP B 372 -20.34 -2.23 5.49
C TRP B 372 -18.84 -2.02 5.60
N VAL B 373 -18.44 -1.29 6.63
CA VAL B 373 -17.06 -1.23 7.08
C VAL B 373 -17.02 -1.67 8.54
N VAL B 374 -16.04 -2.50 8.87
CA VAL B 374 -15.82 -2.95 10.24
C VAL B 374 -14.45 -2.46 10.66
N PHE B 375 -14.39 -1.72 11.76
CA PHE B 375 -13.14 -1.34 12.36
C PHE B 375 -12.79 -2.35 13.44
N ASN B 376 -11.56 -2.84 13.41
CA ASN B 376 -11.12 -3.86 14.35
C ASN B 376 -9.94 -3.32 15.17
N THR B 377 -9.86 -3.78 16.41
CA THR B 377 -8.90 -3.24 17.38
C THR B 377 -7.68 -4.13 17.52
N ASN B 378 -7.02 -4.42 16.41
CA ASN B 378 -5.78 -5.20 16.45
C ASN B 378 -5.08 -5.06 15.11
N ASP B 379 -3.77 -5.25 15.14
CA ASP B 379 -2.98 -5.15 13.93
C ASP B 379 -3.39 -6.21 12.91
N ASN B 380 -3.65 -7.43 13.40
CA ASN B 380 -3.90 -8.58 12.54
C ASN B 380 -5.21 -9.21 12.96
N ALA B 381 -6.27 -8.92 12.22
CA ALA B 381 -7.61 -9.43 12.53
C ALA B 381 -7.82 -10.76 11.81
N LEU B 382 -7.96 -11.82 12.59
CA LEU B 382 -8.22 -13.16 12.07
C LEU B 382 -9.66 -13.54 12.35
N PHE B 383 -10.27 -14.25 11.41
CA PHE B 383 -11.64 -14.70 11.55
C PHE B 383 -11.67 -16.20 11.74
N SER B 384 -12.79 -16.69 12.25
CA SER B 384 -13.03 -18.13 12.38
C SER B 384 -14.47 -18.38 11.97
N THR B 385 -14.65 -18.98 10.80
CA THR B 385 -15.96 -19.14 10.19
C THR B 385 -16.55 -20.48 10.63
N ALA B 386 -17.66 -20.43 11.37
CA ALA B 386 -18.26 -21.66 11.87
C ALA B 386 -18.48 -22.66 10.75
N ALA B 387 -18.87 -22.18 9.57
CA ALA B 387 -19.16 -23.03 8.44
C ALA B 387 -18.49 -22.46 7.20
N GLY B 388 -17.91 -23.35 6.39
CA GLY B 388 -17.31 -22.96 5.14
C GLY B 388 -16.00 -23.66 4.84
N ARG B 389 -15.38 -23.30 3.72
CA ARG B 389 -14.17 -23.98 3.29
C ARG B 389 -13.08 -23.88 4.35
N THR B 390 -12.92 -22.73 4.97
CA THR B 390 -11.94 -22.55 6.02
C THR B 390 -12.63 -22.46 7.37
N SER B 391 -13.44 -23.46 7.69
CA SER B 391 -14.22 -23.43 8.91
C SER B 391 -13.68 -24.43 9.92
N PRO B 392 -13.58 -24.06 11.20
CA PRO B 392 -13.16 -25.05 12.20
C PRO B 392 -13.88 -26.37 12.09
N LEU B 393 -15.19 -26.35 11.87
CA LEU B 393 -15.92 -27.61 11.69
C LEU B 393 -15.31 -28.44 10.58
N ARG B 394 -14.87 -27.80 9.50
CA ARG B 394 -14.19 -28.52 8.45
C ARG B 394 -12.82 -29.01 8.88
N GLY B 395 -12.31 -28.55 10.01
CA GLY B 395 -10.96 -28.87 10.44
C GLY B 395 -10.84 -30.12 11.28
N ILE B 396 -11.85 -30.44 12.08
CA ILE B 396 -11.70 -31.50 13.06
C ILE B 396 -12.50 -32.73 12.65
N PRO B 397 -12.19 -33.92 13.18
CA PRO B 397 -12.63 -35.17 12.57
C PRO B 397 -14.14 -35.40 12.60
N VAL B 398 -14.59 -36.17 11.61
CA VAL B 398 -16.01 -36.50 11.54
C VAL B 398 -16.46 -37.17 12.83
N GLY B 399 -15.60 -38.01 13.42
CA GLY B 399 -15.95 -38.64 14.67
C GLY B 399 -16.32 -37.63 15.73
N VAL B 400 -15.49 -36.61 15.91
CA VAL B 400 -15.78 -35.56 16.88
C VAL B 400 -17.15 -34.94 16.57
N LEU B 401 -17.42 -34.69 15.29
CA LEU B 401 -18.70 -34.10 14.91
C LEU B 401 -19.85 -35.00 15.32
N ALA B 402 -19.78 -36.27 14.94
CA ALA B 402 -20.85 -37.21 15.24
C ALA B 402 -21.06 -37.30 16.75
N ASN B 403 -20.03 -37.70 17.49
CA ASN B 403 -20.15 -37.82 18.93
C ASN B 403 -20.62 -36.52 19.57
N ALA B 404 -20.26 -35.38 18.98
CA ALA B 404 -20.73 -34.10 19.50
C ALA B 404 -22.21 -33.91 19.22
N TYR B 405 -22.56 -33.78 17.95
CA TYR B 405 -23.94 -33.57 17.52
C TYR B 405 -24.46 -34.92 17.05
N ARG B 406 -25.26 -35.57 17.90
CA ARG B 406 -25.44 -37.01 17.83
C ARG B 406 -25.55 -37.58 16.41
N LEU B 407 -26.09 -36.82 15.47
CA LEU B 407 -26.60 -37.46 14.26
C LEU B 407 -25.49 -38.19 13.52
N SER B 408 -25.93 -38.94 12.50
CA SER B 408 -25.14 -40.04 11.96
C SER B 408 -23.89 -39.54 11.23
N GLN B 409 -22.99 -40.49 10.96
CA GLN B 409 -21.70 -40.17 10.37
C GLN B 409 -21.83 -39.35 9.10
N GLU B 410 -22.83 -39.67 8.26
CA GLU B 410 -22.92 -39.01 6.95
C GLU B 410 -23.54 -37.62 7.03
N GLU B 411 -24.33 -37.32 8.06
CA GLU B 411 -24.80 -35.97 8.27
C GLU B 411 -23.82 -35.14 9.09
N ALA B 412 -22.84 -35.77 9.72
CA ALA B 412 -21.64 -35.06 10.13
C ALA B 412 -20.85 -34.66 8.89
N ARG B 413 -20.62 -35.61 7.99
CA ARG B 413 -20.02 -35.29 6.70
C ARG B 413 -20.78 -34.16 6.02
N ARG B 414 -22.12 -34.20 6.12
CA ARG B 414 -22.92 -33.15 5.49
C ARG B 414 -22.58 -31.79 6.07
N ILE B 415 -22.59 -31.69 7.41
CA ILE B 415 -22.20 -30.45 8.07
C ILE B 415 -20.75 -30.12 7.76
N LYS B 416 -19.99 -31.08 7.24
CA LYS B 416 -18.56 -30.88 6.96
C LYS B 416 -18.33 -30.30 5.56
N LEU B 417 -18.57 -31.10 4.52
CA LEU B 417 -18.04 -30.87 3.19
C LEU B 417 -19.13 -30.57 2.14
N ASN B 418 -20.11 -29.73 2.48
CA ASN B 418 -21.13 -29.34 1.51
C ASN B 418 -21.02 -27.89 1.05
N ARG B 419 -20.42 -27.02 1.85
CA ARG B 419 -20.21 -25.63 1.49
C ARG B 419 -18.78 -25.48 0.98
N ASP B 420 -18.62 -25.48 -0.34
CA ASP B 420 -17.30 -25.33 -0.92
C ASP B 420 -16.81 -23.89 -0.91
N GLU B 421 -17.67 -22.94 -0.55
CA GLU B 421 -17.29 -21.55 -0.53
C GLU B 421 -16.60 -21.20 0.79
N ALA B 422 -15.85 -20.10 0.78
CA ALA B 422 -15.02 -19.74 1.92
C ALA B 422 -15.83 -19.03 3.00
N VAL B 423 -16.25 -17.79 2.74
CA VAL B 423 -16.88 -16.99 3.78
C VAL B 423 -17.99 -16.09 3.23
N LEU B 424 -18.08 -15.97 1.91
CA LEU B 424 -19.19 -15.29 1.26
C LEU B 424 -19.99 -16.29 0.46
N PHE B 425 -21.31 -16.27 0.62
CA PHE B 425 -22.17 -17.35 0.14
C PHE B 425 -23.37 -16.80 -0.63
N ASN B 426 -23.82 -17.58 -1.61
CA ASN B 426 -25.05 -17.31 -2.34
C ASN B 426 -26.20 -17.03 -1.38
#